data_5GLL
#
_entry.id   5GLL
#
_cell.length_a   74.490
_cell.length_b   60.935
_cell.length_c   78.901
_cell.angle_alpha   90.00
_cell.angle_beta   95.05
_cell.angle_gamma   90.00
#
_symmetry.space_group_name_H-M   'P 1 21 1'
#
loop_
_entity.id
_entity.type
_entity.pdbx_description
1 polymer 'Glycoside hydrolase family 43'
2 non-polymer 'CALCIUM ION'
3 non-polymer 'SODIUM ION'
4 non-polymer GLYCEROL
5 non-polymer 'ACETATE ION'
6 water water
#
_entity_poly.entity_id   1
_entity_poly.type   'polypeptide(L)'
_entity_poly.pdbx_seq_one_letter_code
;MGSSHHHHHHSSGLVPRGSHMEPLVTHIYTADPSAHVFDGKVYIYPSHDIDAGTPENDMGDHFDMRDYHVLSMNSIPGEV
TDHGVALDIKDIPWAGRQLWAPDAASKDGKYYLYFPAKDKEDIFRIGVAVSDSPAGPFKPESEPIKGSYSIDPAVFKDDD
GKYYMYFGGIWGGQLQRWTTGEYAGHDASKTDLEQDDAPAIGPRIALMSDDMLSFAEPVKEISIVDEQGNPILGGDHDRR
FFEAAWMHKYNGTYYLSYSTGDTHYIVYATGDNPYGPFTYRGVILNPVIGWTNHHSIVEFNGKWYLFYHDSSLSGGKTHL
RCIKVTELTHNADGTIETISPYIE
;
_entity_poly.pdbx_strand_id   A,B
#
# COMPACT_ATOMS: atom_id res chain seq x y z
N LEU A 14 27.22 7.58 -19.45
CA LEU A 14 25.98 7.13 -20.17
C LEU A 14 25.71 5.63 -19.99
N VAL A 15 25.02 5.26 -18.90
CA VAL A 15 24.75 3.84 -18.60
C VAL A 15 23.25 3.51 -18.54
N PRO A 16 22.86 2.27 -18.93
CA PRO A 16 21.43 1.96 -18.96
C PRO A 16 20.77 1.88 -17.57
N ARG A 17 19.52 2.34 -17.49
CA ARG A 17 18.74 2.45 -16.25
C ARG A 17 17.31 1.93 -16.42
N GLY A 18 16.71 1.51 -15.31
CA GLY A 18 15.30 1.05 -15.27
C GLY A 18 15.06 -0.45 -15.36
N SER A 19 16.00 -1.24 -14.82
CA SER A 19 15.91 -2.71 -14.87
C SER A 19 15.40 -3.37 -13.59
N HIS A 20 15.56 -2.73 -12.43
CA HIS A 20 15.15 -3.31 -11.13
C HIS A 20 14.49 -2.25 -10.23
N MET A 21 13.59 -1.45 -10.80
CA MET A 21 12.95 -0.34 -10.08
C MET A 21 13.95 0.65 -9.40
N GLU A 22 15.14 0.81 -9.99
CA GLU A 22 16.11 1.79 -9.48
C GLU A 22 15.74 3.17 -10.02
N PRO A 23 16.23 4.25 -9.38
CA PRO A 23 15.99 5.58 -9.93
C PRO A 23 16.48 5.72 -11.36
N LEU A 24 15.65 6.29 -12.24
CA LEU A 24 16.01 6.47 -13.65
C LEU A 24 17.10 7.53 -13.84
N VAL A 25 17.07 8.58 -13.02
CA VAL A 25 18.16 9.57 -12.98
C VAL A 25 18.50 9.87 -11.52
N THR A 26 19.77 10.21 -11.26
CA THR A 26 20.22 10.59 -9.92
C THR A 26 20.91 11.96 -9.84
N HIS A 27 21.27 12.55 -10.98
CA HIS A 27 21.95 13.84 -10.96
C HIS A 27 21.03 15.02 -10.65
N ILE A 28 19.72 14.83 -10.84
CA ILE A 28 18.70 15.78 -10.38
C ILE A 28 17.58 14.98 -9.73
N TYR A 29 16.78 15.65 -8.92
CA TYR A 29 15.59 15.05 -8.34
C TYR A 29 14.42 15.24 -9.30
N THR A 30 13.59 14.21 -9.45
CA THR A 30 12.54 14.18 -10.46
C THR A 30 11.28 13.60 -9.88
N ALA A 31 10.14 14.10 -10.36
CA ALA A 31 8.85 13.66 -9.84
C ALA A 31 7.77 13.76 -10.90
N ASP A 32 6.62 13.16 -10.61
CA ASP A 32 5.38 13.38 -11.35
C ASP A 32 5.53 13.02 -12.83
N PRO A 33 6.11 11.82 -13.13
CA PRO A 33 6.49 11.53 -14.51
C PRO A 33 5.31 11.31 -15.48
N SER A 34 5.25 12.11 -16.52
CA SER A 34 4.33 11.89 -17.62
C SER A 34 5.11 11.33 -18.79
N ALA A 35 4.89 10.05 -19.10
CA ALA A 35 5.62 9.33 -20.17
C ALA A 35 4.79 9.25 -21.45
N HIS A 36 5.45 9.52 -22.57
CA HIS A 36 4.86 9.44 -23.91
C HIS A 36 5.83 8.76 -24.87
N VAL A 37 5.29 8.17 -25.93
CA VAL A 37 6.09 7.65 -27.02
C VAL A 37 5.94 8.65 -28.17
N PHE A 38 7.02 9.39 -28.43
CA PHE A 38 7.12 10.33 -29.55
C PHE A 38 8.37 9.91 -30.36
N ASP A 39 8.26 9.88 -31.69
CA ASP A 39 9.39 9.51 -32.58
C ASP A 39 10.03 8.17 -32.20
N GLY A 40 9.18 7.18 -31.89
CA GLY A 40 9.63 5.86 -31.43
C GLY A 40 10.49 5.80 -30.18
N LYS A 41 10.53 6.87 -29.39
CA LYS A 41 11.31 6.95 -28.15
C LYS A 41 10.35 7.24 -27.03
N VAL A 42 10.75 6.91 -25.80
CA VAL A 42 10.00 7.34 -24.62
C VAL A 42 10.49 8.73 -24.21
N TYR A 43 9.58 9.69 -24.13
CA TYR A 43 9.87 11.01 -23.59
C TYR A 43 9.14 11.15 -22.28
N ILE A 44 9.84 11.64 -21.27
CA ILE A 44 9.28 11.77 -19.94
C ILE A 44 9.31 13.22 -19.55
N TYR A 45 8.18 13.70 -19.03
CA TYR A 45 7.97 15.09 -18.64
C TYR A 45 7.66 15.10 -17.15
N PRO A 46 8.71 15.23 -16.31
CA PRO A 46 8.54 15.23 -14.87
C PRO A 46 8.72 16.61 -14.27
N SER A 47 8.29 16.76 -13.04
CA SER A 47 8.70 17.92 -12.22
C SER A 47 10.17 17.77 -11.88
N HIS A 48 10.86 18.90 -11.74
CA HIS A 48 12.26 18.92 -11.32
C HIS A 48 12.31 19.43 -9.89
N ASP A 49 12.42 18.51 -8.92
CA ASP A 49 12.47 18.88 -7.52
C ASP A 49 13.78 19.55 -7.16
N ILE A 50 13.68 20.57 -6.32
CA ILE A 50 14.87 21.24 -5.77
C ILE A 50 14.71 21.41 -4.26
N ASP A 51 15.84 21.48 -3.55
CA ASP A 51 15.81 21.69 -2.11
C ASP A 51 15.73 23.20 -1.86
N ALA A 52 14.54 23.74 -2.01
CA ALA A 52 14.32 25.17 -1.88
C ALA A 52 14.42 25.63 -0.42
N GLY A 53 14.20 24.72 0.53
CA GLY A 53 14.22 25.07 1.95
C GLY A 53 13.07 25.96 2.35
N THR A 54 11.95 25.87 1.62
CA THR A 54 10.74 26.62 1.94
C THR A 54 9.98 25.86 3.04
N PRO A 55 9.08 26.53 3.78
CA PRO A 55 8.34 25.83 4.83
C PRO A 55 7.49 24.65 4.34
N GLU A 56 7.45 23.56 5.11
CA GLU A 56 6.63 22.39 4.81
C GLU A 56 5.24 22.48 5.44
N ASN A 57 4.21 22.13 4.66
CA ASN A 57 2.81 22.20 5.09
C ASN A 57 1.87 21.49 4.11
N ASP A 58 0.60 21.40 4.49
CA ASP A 58 -0.40 20.71 3.68
C ASP A 58 -0.86 21.46 2.42
N MET A 59 -0.48 22.73 2.26
CA MET A 59 -0.72 23.45 1.02
C MET A 59 0.42 23.31 0.01
N GLY A 60 1.49 22.60 0.41
CA GLY A 60 2.55 22.21 -0.52
C GLY A 60 3.62 23.27 -0.79
N ASP A 61 3.83 24.21 0.13
CA ASP A 61 4.82 25.28 -0.12
C ASP A 61 6.24 24.72 -0.29
N HIS A 62 6.54 23.64 0.44
CA HIS A 62 7.79 22.88 0.25
C HIS A 62 8.08 22.31 -1.17
N PHE A 63 7.08 22.30 -2.05
CA PHE A 63 7.27 21.95 -3.46
C PHE A 63 7.40 23.25 -4.24
N ASP A 64 8.64 23.72 -4.43
CA ASP A 64 8.88 25.05 -4.96
C ASP A 64 9.72 24.98 -6.23
N MET A 65 9.28 24.13 -7.14
CA MET A 65 10.01 23.86 -8.35
C MET A 65 9.93 25.07 -9.30
N ARG A 66 10.98 25.23 -10.08
CA ARG A 66 11.20 26.41 -10.91
C ARG A 66 11.48 26.16 -12.38
N ASP A 67 11.68 24.91 -12.78
CA ASP A 67 11.90 24.61 -14.20
C ASP A 67 11.53 23.17 -14.52
N TYR A 68 11.55 22.84 -15.80
CA TYR A 68 11.37 21.47 -16.27
C TYR A 68 12.54 21.04 -17.14
N HIS A 69 13.00 19.81 -16.93
CA HIS A 69 13.89 19.10 -17.83
C HIS A 69 13.10 17.97 -18.50
N VAL A 70 13.24 17.81 -19.81
CA VAL A 70 12.66 16.67 -20.52
C VAL A 70 13.69 15.53 -20.54
N LEU A 71 13.24 14.30 -20.28
CA LEU A 71 14.09 13.11 -20.29
C LEU A 71 13.65 12.23 -21.44
N SER A 72 14.56 11.44 -21.99
CA SER A 72 14.18 10.46 -23.02
C SER A 72 14.97 9.15 -22.91
N MET A 73 14.34 8.06 -23.33
CA MET A 73 14.94 6.73 -23.41
C MET A 73 14.62 6.12 -24.77
N ASN A 74 15.59 5.41 -25.35
CA ASN A 74 15.38 4.65 -26.58
C ASN A 74 14.87 3.23 -26.33
N SER A 75 15.10 2.73 -25.12
CA SER A 75 14.63 1.42 -24.70
C SER A 75 14.42 1.45 -23.19
N ILE A 76 13.70 0.45 -22.68
CA ILE A 76 13.52 0.25 -21.24
C ILE A 76 13.92 -1.20 -20.95
N PRO A 77 15.00 -1.45 -20.20
CA PRO A 77 15.92 -0.44 -19.69
C PRO A 77 16.73 0.25 -20.79
N GLY A 78 17.30 1.39 -20.45
CA GLY A 78 18.14 2.11 -21.39
C GLY A 78 18.76 3.36 -20.80
N GLU A 79 19.70 3.95 -21.53
CA GLU A 79 20.31 5.21 -21.15
C GLU A 79 19.23 6.29 -21.13
N VAL A 80 19.27 7.14 -20.11
CA VAL A 80 18.30 8.23 -19.95
C VAL A 80 19.01 9.55 -20.27
N THR A 81 18.54 10.24 -21.29
CA THR A 81 19.11 11.51 -21.72
C THR A 81 18.34 12.65 -21.04
N ASP A 82 19.06 13.55 -20.38
CA ASP A 82 18.51 14.77 -19.81
C ASP A 82 18.78 15.87 -20.82
N HIS A 83 17.72 16.44 -21.39
CA HIS A 83 17.86 17.42 -22.48
C HIS A 83 18.04 18.87 -22.00
N GLY A 84 18.21 19.08 -20.70
CA GLY A 84 18.51 20.40 -20.13
C GLY A 84 17.24 21.07 -19.68
N VAL A 85 17.30 22.37 -19.43
CA VAL A 85 16.12 23.15 -19.06
C VAL A 85 15.25 23.39 -20.30
N ALA A 86 14.05 22.83 -20.30
CA ALA A 86 13.07 23.02 -21.38
C ALA A 86 12.18 24.24 -21.18
N LEU A 87 11.96 24.61 -19.92
CA LEU A 87 11.15 25.76 -19.58
C LEU A 87 11.54 26.23 -18.18
N ASP A 88 11.72 27.53 -18.03
CA ASP A 88 12.10 28.16 -16.77
C ASP A 88 10.98 29.09 -16.33
N ILE A 89 10.63 29.04 -15.05
CA ILE A 89 9.55 29.89 -14.51
C ILE A 89 9.79 31.38 -14.72
N LYS A 90 11.05 31.80 -14.72
CA LYS A 90 11.39 33.21 -14.94
C LYS A 90 10.96 33.73 -16.31
N ASP A 91 10.81 32.83 -17.28
CA ASP A 91 10.38 33.16 -18.64
C ASP A 91 8.89 32.99 -18.94
N ILE A 92 8.10 32.55 -17.96
CA ILE A 92 6.64 32.43 -18.12
C ILE A 92 6.05 33.73 -17.60
N PRO A 93 5.52 34.61 -18.47
CA PRO A 93 5.13 35.95 -18.00
C PRO A 93 4.05 35.99 -16.91
N TRP A 94 3.07 35.09 -16.99
CA TRP A 94 1.94 35.07 -16.05
C TRP A 94 2.23 34.39 -14.71
N ALA A 95 3.31 33.60 -14.62
CA ALA A 95 3.53 32.73 -13.47
C ALA A 95 4.25 33.43 -12.32
N GLY A 96 3.80 33.17 -11.10
CA GLY A 96 4.44 33.68 -9.88
C GLY A 96 5.36 32.67 -9.23
N ARG A 97 4.86 31.45 -9.03
CA ARG A 97 5.66 30.39 -8.41
C ARG A 97 5.09 29.01 -8.68
N GLN A 98 5.92 28.00 -8.40
CA GLN A 98 5.54 26.59 -8.30
C GLN A 98 5.16 25.89 -9.61
N LEU A 99 6.18 25.42 -10.31
CA LEU A 99 6.01 24.62 -11.53
C LEU A 99 5.81 23.15 -11.16
N TRP A 100 4.54 22.76 -11.09
CA TRP A 100 4.13 21.44 -10.60
C TRP A 100 3.93 20.45 -11.78
N ALA A 101 3.28 19.31 -11.50
CA ALA A 101 3.30 18.13 -12.37
C ALA A 101 2.86 18.44 -13.80
N PRO A 102 3.76 18.31 -14.80
CA PRO A 102 3.43 18.67 -16.17
C PRO A 102 2.99 17.49 -17.06
N ASP A 103 2.66 17.80 -18.30
CA ASP A 103 2.42 16.77 -19.33
C ASP A 103 2.73 17.38 -20.69
N ALA A 104 2.80 16.53 -21.71
CA ALA A 104 3.04 16.97 -23.08
C ALA A 104 2.11 16.29 -24.07
N ALA A 105 1.95 16.91 -25.22
CA ALA A 105 1.22 16.30 -26.34
C ALA A 105 1.87 16.68 -27.65
N SER A 106 1.55 15.91 -28.68
CA SER A 106 2.07 16.14 -30.01
C SER A 106 0.90 16.23 -30.98
N LYS A 107 0.90 17.27 -31.82
CA LYS A 107 -0.07 17.42 -32.89
C LYS A 107 0.55 18.16 -34.08
N ASP A 108 0.43 17.57 -35.27
CA ASP A 108 0.83 18.23 -36.54
C ASP A 108 2.29 18.73 -36.54
N GLY A 109 3.18 17.92 -35.97
CA GLY A 109 4.61 18.27 -35.89
C GLY A 109 5.01 19.29 -34.83
N LYS A 110 4.07 19.70 -33.97
CA LYS A 110 4.41 20.57 -32.85
C LYS A 110 4.23 19.80 -31.55
N TYR A 111 4.93 20.27 -30.52
CA TYR A 111 4.91 19.65 -29.21
C TYR A 111 4.49 20.71 -28.22
N TYR A 112 3.59 20.33 -27.32
CA TYR A 112 2.95 21.24 -26.39
C TYR A 112 3.22 20.74 -24.99
N LEU A 113 3.79 21.59 -24.14
CA LEU A 113 4.03 21.29 -22.74
C LEU A 113 2.97 22.00 -21.93
N TYR A 114 2.17 21.23 -21.18
CA TYR A 114 1.11 21.74 -20.33
C TYR A 114 1.61 21.69 -18.90
N PHE A 115 1.48 22.80 -18.18
CA PHE A 115 2.06 22.89 -16.87
C PHE A 115 1.16 23.69 -15.93
N PRO A 116 1.03 23.22 -14.67
CA PRO A 116 0.34 23.96 -13.64
C PRO A 116 1.33 24.92 -12.94
N ALA A 117 0.86 26.13 -12.64
CA ALA A 117 1.66 27.11 -11.90
C ALA A 117 0.75 28.15 -11.28
N LYS A 118 1.17 28.74 -10.18
CA LYS A 118 0.43 29.82 -9.56
C LYS A 118 0.67 31.11 -10.32
N ASP A 119 -0.43 31.81 -10.61
CA ASP A 119 -0.34 33.13 -11.21
C ASP A 119 0.03 34.15 -10.13
N LYS A 120 0.03 35.43 -10.48
CA LYS A 120 0.48 36.48 -9.58
C LYS A 120 -0.47 36.77 -8.42
N GLU A 121 -1.70 36.25 -8.47
CA GLU A 121 -2.65 36.26 -7.35
C GLU A 121 -2.58 34.99 -6.49
N ASP A 122 -1.56 34.16 -6.71
CA ASP A 122 -1.37 32.89 -6.01
C ASP A 122 -2.47 31.85 -6.29
N ILE A 123 -3.04 31.92 -7.49
CA ILE A 123 -4.08 30.98 -7.93
C ILE A 123 -3.46 30.07 -9.00
N PHE A 124 -3.52 28.76 -8.77
CA PHE A 124 -3.04 27.78 -9.78
C PHE A 124 -3.87 27.89 -11.04
N ARG A 125 -3.18 27.95 -12.17
CA ARG A 125 -3.77 27.88 -13.50
C ARG A 125 -2.92 26.90 -14.29
N ILE A 126 -3.38 26.54 -15.50
CA ILE A 126 -2.64 25.66 -16.38
C ILE A 126 -2.29 26.42 -17.65
N GLY A 127 -1.00 26.40 -18.00
CA GLY A 127 -0.49 27.08 -19.18
C GLY A 127 0.04 26.09 -20.20
N VAL A 128 0.33 26.60 -21.40
CA VAL A 128 0.94 25.79 -22.44
C VAL A 128 2.19 26.49 -22.99
N ALA A 129 3.15 25.67 -23.41
CA ALA A 129 4.36 26.13 -24.06
C ALA A 129 4.61 25.25 -25.27
N VAL A 130 5.23 25.82 -26.30
CA VAL A 130 5.26 25.22 -27.63
C VAL A 130 6.68 25.10 -28.18
N SER A 131 6.93 23.97 -28.84
CA SER A 131 8.20 23.65 -29.44
C SER A 131 7.99 22.86 -30.71
N ASP A 132 9.04 22.83 -31.51
CA ASP A 132 9.10 21.97 -32.70
C ASP A 132 9.71 20.59 -32.39
N SER A 133 10.19 20.39 -31.16
CA SER A 133 10.83 19.13 -30.78
C SER A 133 10.23 18.58 -29.50
N PRO A 134 10.13 17.24 -29.39
CA PRO A 134 9.65 16.67 -28.11
C PRO A 134 10.56 16.97 -26.91
N ALA A 135 11.84 17.24 -27.18
CA ALA A 135 12.81 17.56 -26.13
C ALA A 135 12.83 19.04 -25.72
N GLY A 136 12.04 19.88 -26.40
CA GLY A 136 12.03 21.32 -26.12
C GLY A 136 13.26 21.99 -26.71
N PRO A 137 13.61 23.20 -26.26
CA PRO A 137 12.87 23.96 -25.25
C PRO A 137 11.54 24.50 -25.80
N PHE A 138 10.71 24.99 -24.89
CA PHE A 138 9.33 25.36 -25.21
C PHE A 138 9.13 26.85 -24.94
N LYS A 139 8.42 27.54 -25.83
CA LYS A 139 8.03 28.94 -25.63
C LYS A 139 6.66 29.03 -24.95
N PRO A 140 6.60 29.57 -23.73
CA PRO A 140 5.30 29.70 -23.06
C PRO A 140 4.40 30.76 -23.70
N GLU A 141 3.10 30.46 -23.75
CA GLU A 141 2.10 31.47 -24.05
C GLU A 141 2.14 32.51 -22.94
N SER A 142 1.80 33.76 -23.26
CA SER A 142 1.93 34.86 -22.28
C SER A 142 0.89 34.81 -21.16
N GLU A 143 -0.23 34.13 -21.39
CA GLU A 143 -1.29 33.95 -20.38
C GLU A 143 -1.59 32.46 -20.24
N PRO A 144 -2.21 32.06 -19.11
CA PRO A 144 -2.62 30.66 -18.97
C PRO A 144 -3.84 30.35 -19.83
N ILE A 145 -4.20 29.07 -19.89
CA ILE A 145 -5.36 28.67 -20.65
C ILE A 145 -6.62 29.27 -20.03
N LYS A 146 -7.43 29.96 -20.84
CA LYS A 146 -8.65 30.59 -20.34
C LYS A 146 -9.58 29.52 -19.79
N GLY A 147 -10.08 29.73 -18.58
CA GLY A 147 -10.98 28.77 -17.93
C GLY A 147 -10.30 27.62 -17.22
N SER A 148 -8.97 27.54 -17.29
CA SER A 148 -8.22 26.56 -16.52
C SER A 148 -8.08 27.02 -15.08
N TYR A 149 -7.81 26.04 -14.22
CA TYR A 149 -7.57 26.25 -12.81
C TYR A 149 -7.02 24.97 -12.23
N SER A 150 -6.54 25.04 -10.99
CA SER A 150 -6.00 23.89 -10.29
C SER A 150 -4.78 23.31 -11.03
N ILE A 151 -4.52 22.00 -10.89
CA ILE A 151 -3.19 21.45 -11.14
C ILE A 151 -3.21 20.13 -11.94
N ASP A 152 -2.00 19.61 -12.17
CA ASP A 152 -1.78 18.23 -12.65
C ASP A 152 -2.50 17.88 -13.95
N PRO A 153 -2.23 18.61 -15.04
CA PRO A 153 -2.86 18.28 -16.31
C PRO A 153 -2.38 16.93 -16.86
N ALA A 154 -3.29 16.22 -17.52
CA ALA A 154 -2.96 15.11 -18.39
C ALA A 154 -3.68 15.38 -19.68
N VAL A 155 -2.93 15.52 -20.78
CA VAL A 155 -3.54 15.72 -22.09
C VAL A 155 -3.50 14.41 -22.88
N PHE A 156 -4.68 13.87 -23.16
CA PHE A 156 -4.85 12.52 -23.69
C PHE A 156 -5.33 12.59 -25.14
N LYS A 157 -4.62 11.93 -26.05
CA LYS A 157 -5.06 11.83 -27.44
C LYS A 157 -5.87 10.55 -27.61
N ASP A 158 -7.17 10.71 -27.88
CA ASP A 158 -8.03 9.58 -28.12
C ASP A 158 -7.78 9.05 -29.55
N ASP A 159 -8.23 7.82 -29.80
CA ASP A 159 -7.98 7.15 -31.09
C ASP A 159 -8.65 7.86 -32.28
N ASP A 160 -9.72 8.60 -32.02
CA ASP A 160 -10.39 9.42 -33.04
C ASP A 160 -9.70 10.77 -33.35
N GLY A 161 -8.52 11.00 -32.76
CA GLY A 161 -7.78 12.25 -32.99
C GLY A 161 -8.17 13.42 -32.08
N LYS A 162 -9.15 13.24 -31.20
CA LYS A 162 -9.54 14.31 -30.27
C LYS A 162 -8.62 14.28 -29.07
N TYR A 163 -8.25 15.47 -28.57
CA TYR A 163 -7.38 15.59 -27.40
C TYR A 163 -8.19 16.18 -26.24
N TYR A 164 -7.99 15.63 -25.05
CA TYR A 164 -8.73 16.03 -23.84
C TYR A 164 -7.74 16.35 -22.76
N MET A 165 -7.97 17.43 -22.02
CA MET A 165 -7.19 17.69 -20.82
C MET A 165 -7.98 17.25 -19.61
N TYR A 166 -7.38 16.35 -18.84
CA TYR A 166 -7.86 15.98 -17.52
C TYR A 166 -7.05 16.79 -16.55
N PHE A 167 -7.69 17.32 -15.52
CA PHE A 167 -6.96 18.10 -14.53
C PHE A 167 -7.65 18.21 -13.18
N GLY A 168 -6.90 18.75 -12.22
CA GLY A 168 -7.43 19.03 -10.89
C GLY A 168 -6.60 18.41 -9.77
N GLY A 169 -6.61 19.07 -8.62
CA GLY A 169 -6.01 18.53 -7.41
C GLY A 169 -6.59 19.25 -6.21
N ILE A 170 -6.94 18.52 -5.17
CA ILE A 170 -7.52 19.15 -3.97
C ILE A 170 -6.39 19.58 -3.03
N TRP A 171 -6.75 20.02 -1.81
CA TRP A 171 -5.80 20.54 -0.84
C TRP A 171 -5.00 21.70 -1.47
N GLY A 172 -3.67 21.58 -1.59
CA GLY A 172 -2.84 22.61 -2.19
C GLY A 172 -3.11 22.90 -3.66
N GLY A 173 -3.70 21.95 -4.37
CA GLY A 173 -4.11 22.17 -5.76
C GLY A 173 -5.35 23.03 -5.95
N GLN A 174 -6.04 23.37 -4.85
CA GLN A 174 -7.10 24.40 -4.82
C GLN A 174 -8.41 24.02 -5.52
N LEU A 175 -8.57 22.78 -5.98
CA LEU A 175 -9.79 22.41 -6.74
C LEU A 175 -11.07 22.64 -5.94
N GLN A 176 -10.99 22.42 -4.63
CA GLN A 176 -12.09 22.66 -3.70
C GLN A 176 -12.59 24.13 -3.63
N ARG A 177 -11.79 25.07 -4.16
CA ARG A 177 -12.14 26.49 -4.19
C ARG A 177 -12.77 26.95 -5.52
N TRP A 178 -13.09 26.00 -6.40
CA TRP A 178 -13.66 26.30 -7.71
C TRP A 178 -15.07 25.73 -7.93
N THR A 179 -15.81 25.50 -6.85
CA THR A 179 -17.18 24.92 -6.96
C THR A 179 -18.15 25.71 -7.86
N THR A 180 -17.97 27.04 -7.95
CA THR A 180 -18.87 27.94 -8.68
C THR A 180 -18.30 28.48 -9.99
N GLY A 181 -17.11 28.02 -10.39
CA GLY A 181 -16.43 28.56 -11.57
C GLY A 181 -15.69 29.86 -11.33
N GLU A 182 -15.75 30.39 -10.10
CA GLU A 182 -14.88 31.49 -9.66
C GLU A 182 -14.19 31.08 -8.37
N TYR A 183 -12.96 31.55 -8.20
CA TYR A 183 -12.13 31.21 -7.06
C TYR A 183 -12.76 31.67 -5.75
N ALA A 184 -12.89 30.77 -4.79
CA ALA A 184 -13.56 31.07 -3.52
C ALA A 184 -12.72 31.93 -2.58
N GLY A 185 -11.44 32.11 -2.86
CA GLY A 185 -10.57 33.02 -2.13
C GLY A 185 -9.57 32.25 -1.29
N HIS A 186 -8.50 32.93 -0.87
CA HIS A 186 -7.42 32.29 -0.10
C HIS A 186 -7.83 31.88 1.33
N ASP A 187 -8.93 32.43 1.84
CA ASP A 187 -9.51 32.00 3.12
C ASP A 187 -10.49 30.82 3.02
N ALA A 188 -10.72 30.30 1.81
CA ALA A 188 -11.63 29.16 1.61
C ALA A 188 -10.99 27.83 2.03
N SER A 189 -11.73 26.73 1.89
CA SER A 189 -11.26 25.42 2.35
C SER A 189 -9.83 25.10 1.90
N LYS A 190 -9.03 24.63 2.84
CA LYS A 190 -7.66 24.18 2.54
C LYS A 190 -7.64 22.71 2.09
N THR A 191 -8.77 22.02 2.11
CA THR A 191 -8.81 20.59 1.85
C THR A 191 -9.84 20.23 0.77
N ASP A 192 -11.10 20.07 1.15
CA ASP A 192 -12.13 19.55 0.25
C ASP A 192 -13.46 20.27 0.54
N LEU A 193 -14.60 19.67 0.19
CA LEU A 193 -15.89 20.33 0.47
C LEU A 193 -16.29 20.33 1.94
N GLU A 194 -15.58 19.56 2.77
CA GLU A 194 -15.89 19.43 4.20
C GLU A 194 -17.33 18.93 4.40
N GLN A 195 -17.74 17.99 3.54
CA GLN A 195 -19.01 17.28 3.68
C GLN A 195 -18.79 15.83 3.27
N ASP A 196 -18.29 15.05 4.23
CA ASP A 196 -17.84 13.68 3.98
C ASP A 196 -18.92 12.71 3.52
N ASP A 197 -20.19 13.00 3.81
CA ASP A 197 -21.31 12.18 3.36
C ASP A 197 -21.87 12.61 2.00
N ALA A 198 -21.36 13.69 1.44
CA ALA A 198 -21.69 14.08 0.07
C ALA A 198 -20.72 13.42 -0.92
N PRO A 199 -21.10 13.36 -2.21
CA PRO A 199 -20.13 12.91 -3.22
C PRO A 199 -18.83 13.72 -3.15
N ALA A 200 -17.71 13.04 -3.39
CA ALA A 200 -16.40 13.67 -3.37
C ALA A 200 -16.27 14.60 -4.55
N ILE A 201 -15.30 15.51 -4.49
CA ILE A 201 -14.97 16.36 -5.63
C ILE A 201 -14.43 15.46 -6.77
N GLY A 202 -14.84 15.78 -7.99
CA GLY A 202 -14.43 15.03 -9.16
C GLY A 202 -13.36 15.78 -9.94
N PRO A 203 -12.49 15.05 -10.66
CA PRO A 203 -11.55 15.71 -11.56
C PRO A 203 -12.26 16.41 -12.72
N ARG A 204 -11.51 17.21 -13.46
CA ARG A 204 -12.05 18.01 -14.55
C ARG A 204 -11.58 17.50 -15.90
N ILE A 205 -12.38 17.77 -16.93
CA ILE A 205 -12.03 17.43 -18.30
C ILE A 205 -12.54 18.51 -19.25
N ALA A 206 -11.74 18.81 -20.26
CA ALA A 206 -12.15 19.59 -21.40
C ALA A 206 -11.50 19.10 -22.69
N LEU A 207 -12.31 18.93 -23.73
CA LEU A 207 -11.84 18.81 -25.10
C LEU A 207 -10.99 20.03 -25.43
N MET A 208 -9.82 19.78 -26.01
CA MET A 208 -8.92 20.83 -26.47
C MET A 208 -9.33 21.38 -27.82
N SER A 209 -8.99 22.65 -28.04
CA SER A 209 -9.15 23.30 -29.32
C SER A 209 -8.24 22.68 -30.36
N ASP A 210 -8.57 22.91 -31.62
CA ASP A 210 -7.76 22.41 -32.72
C ASP A 210 -6.30 22.89 -32.61
N ASP A 211 -6.09 24.13 -32.15
CA ASP A 211 -4.72 24.68 -32.05
C ASP A 211 -4.01 24.34 -30.74
N MET A 212 -4.68 23.60 -29.85
CA MET A 212 -4.07 23.05 -28.64
C MET A 212 -3.71 24.08 -27.56
N LEU A 213 -4.17 25.33 -27.72
CA LEU A 213 -3.87 26.41 -26.77
C LEU A 213 -5.07 26.79 -25.89
N SER A 214 -6.23 26.19 -26.13
CA SER A 214 -7.42 26.52 -25.37
C SER A 214 -8.36 25.34 -25.28
N PHE A 215 -9.40 25.51 -24.47
CA PHE A 215 -10.45 24.51 -24.33
C PHE A 215 -11.55 24.81 -25.35
N ALA A 216 -12.12 23.74 -25.90
CA ALA A 216 -13.16 23.83 -26.93
C ALA A 216 -14.60 23.76 -26.40
N GLU A 217 -14.74 23.66 -25.07
CA GLU A 217 -16.04 23.53 -24.42
C GLU A 217 -15.92 24.03 -22.99
N PRO A 218 -17.07 24.31 -22.33
CA PRO A 218 -17.02 24.54 -20.89
C PRO A 218 -16.46 23.32 -20.17
N VAL A 219 -15.63 23.56 -19.17
CA VAL A 219 -14.99 22.47 -18.42
C VAL A 219 -16.09 21.61 -17.77
N LYS A 220 -15.90 20.29 -17.86
CA LYS A 220 -16.80 19.32 -17.26
C LYS A 220 -16.14 18.69 -16.04
N GLU A 221 -16.97 18.18 -15.13
CA GLU A 221 -16.52 17.44 -13.97
C GLU A 221 -16.89 15.99 -14.15
N ILE A 222 -16.00 15.10 -13.72
CA ILE A 222 -16.12 13.66 -13.93
C ILE A 222 -16.74 13.00 -12.69
N SER A 223 -17.70 12.10 -12.93
CA SER A 223 -18.30 11.28 -11.87
C SER A 223 -17.50 10.01 -11.68
N ILE A 224 -17.15 9.71 -10.43
CA ILE A 224 -16.50 8.47 -10.07
C ILE A 224 -17.42 7.76 -9.08
N VAL A 225 -17.79 6.54 -9.41
CA VAL A 225 -18.74 5.76 -8.62
C VAL A 225 -18.12 4.44 -8.21
N ASP A 226 -18.74 3.82 -7.20
CA ASP A 226 -18.31 2.49 -6.77
C ASP A 226 -18.94 1.40 -7.66
N GLU A 227 -18.67 0.14 -7.32
CA GLU A 227 -19.12 -1.00 -8.14
C GLU A 227 -20.64 -1.16 -8.16
N GLN A 228 -21.32 -0.60 -7.17
CA GLN A 228 -22.78 -0.58 -7.13
C GLN A 228 -23.39 0.65 -7.80
N GLY A 229 -22.55 1.53 -8.38
CA GLY A 229 -23.02 2.73 -9.07
C GLY A 229 -23.25 3.96 -8.21
N ASN A 230 -22.89 3.90 -6.92
CA ASN A 230 -23.05 5.04 -6.02
C ASN A 230 -21.82 5.94 -6.02
N PRO A 231 -22.02 7.27 -5.97
CA PRO A 231 -20.88 8.18 -5.94
C PRO A 231 -19.87 7.84 -4.82
N ILE A 232 -18.59 7.94 -5.13
CA ILE A 232 -17.56 7.88 -4.10
C ILE A 232 -17.75 9.13 -3.24
N LEU A 233 -17.78 8.95 -1.92
CA LEU A 233 -18.05 10.03 -0.99
C LEU A 233 -16.80 10.78 -0.55
N GLY A 234 -16.99 12.00 -0.08
CA GLY A 234 -15.89 12.84 0.41
C GLY A 234 -15.09 12.20 1.53
N GLY A 235 -15.77 11.44 2.40
CA GLY A 235 -15.11 10.75 3.52
C GLY A 235 -14.32 9.51 3.15
N ASP A 236 -14.47 9.04 1.91
CA ASP A 236 -13.84 7.79 1.46
C ASP A 236 -12.46 8.10 0.86
N HIS A 237 -11.50 8.41 1.74
CA HIS A 237 -10.18 8.87 1.30
C HIS A 237 -9.37 7.77 0.61
N ASP A 238 -9.71 6.51 0.85
CA ASP A 238 -9.06 5.38 0.14
C ASP A 238 -9.33 5.38 -1.36
N ARG A 239 -10.47 5.91 -1.79
CA ARG A 239 -10.90 5.84 -3.19
C ARG A 239 -11.15 7.17 -3.89
N ARG A 240 -11.40 8.24 -3.13
CA ARG A 240 -11.81 9.51 -3.74
C ARG A 240 -10.62 10.21 -4.38
N PHE A 241 -10.92 10.92 -5.46
CA PHE A 241 -9.92 11.69 -6.21
C PHE A 241 -9.19 12.73 -5.37
N PHE A 242 -7.86 12.72 -5.43
CA PHE A 242 -7.06 13.76 -4.80
C PHE A 242 -6.33 14.61 -5.86
N GLU A 243 -5.57 13.94 -6.73
CA GLU A 243 -4.84 14.62 -7.80
C GLU A 243 -4.25 13.59 -8.80
N ALA A 244 -3.43 14.07 -9.72
CA ALA A 244 -2.65 13.23 -10.64
C ALA A 244 -3.49 12.39 -11.60
N ALA A 245 -4.58 12.96 -12.11
CA ALA A 245 -5.38 12.30 -13.15
C ALA A 245 -4.52 11.86 -14.34
N TRP A 246 -4.81 10.65 -14.82
CA TRP A 246 -4.18 10.12 -16.02
C TRP A 246 -5.21 9.28 -16.75
N MET A 247 -5.16 9.32 -18.09
CA MET A 247 -6.06 8.56 -18.93
C MET A 247 -5.26 7.64 -19.87
N HIS A 248 -5.65 6.37 -19.90
CA HIS A 248 -5.18 5.47 -20.98
C HIS A 248 -6.31 4.54 -21.37
N LYS A 249 -6.13 3.85 -22.47
CA LYS A 249 -7.15 2.95 -23.01
C LYS A 249 -6.61 1.53 -23.18
N TYR A 250 -7.47 0.56 -22.90
CA TYR A 250 -7.15 -0.86 -23.09
C TYR A 250 -8.46 -1.55 -23.46
N ASN A 251 -8.46 -2.34 -24.54
CA ASN A 251 -9.68 -3.03 -25.00
C ASN A 251 -10.82 -2.07 -25.37
N GLY A 252 -10.49 -0.85 -25.76
CA GLY A 252 -11.51 0.18 -26.01
C GLY A 252 -12.13 0.80 -24.76
N THR A 253 -11.74 0.33 -23.57
CA THR A 253 -12.19 0.89 -22.29
C THR A 253 -11.28 2.03 -21.87
N TYR A 254 -11.87 3.05 -21.25
CA TYR A 254 -11.15 4.24 -20.78
C TYR A 254 -10.81 4.04 -19.31
N TYR A 255 -9.55 4.27 -18.95
CA TYR A 255 -9.03 4.06 -17.59
C TYR A 255 -8.63 5.40 -17.00
N LEU A 256 -9.40 5.89 -16.04
CA LEU A 256 -9.02 7.06 -15.29
C LEU A 256 -8.25 6.56 -14.08
N SER A 257 -6.96 6.87 -14.02
CA SER A 257 -6.19 6.59 -12.82
C SER A 257 -5.80 7.92 -12.15
N TYR A 258 -5.53 7.84 -10.86
CA TYR A 258 -5.27 9.03 -10.06
C TYR A 258 -4.71 8.68 -8.70
N SER A 259 -4.10 9.69 -8.09
CA SER A 259 -3.61 9.61 -6.72
C SER A 259 -4.75 9.90 -5.71
N THR A 260 -4.76 9.15 -4.61
CA THR A 260 -5.66 9.42 -3.48
C THR A 260 -5.05 10.32 -2.39
N GLY A 261 -3.83 10.82 -2.59
CA GLY A 261 -3.26 11.85 -1.68
C GLY A 261 -2.91 11.36 -0.30
N ASP A 262 -3.74 11.70 0.68
CA ASP A 262 -3.43 11.35 2.10
C ASP A 262 -3.50 9.86 2.43
N THR A 263 -4.07 9.04 1.55
CA THR A 263 -4.01 7.58 1.68
C THR A 263 -2.97 6.94 0.73
N HIS A 264 -2.37 7.75 -0.14
CA HIS A 264 -1.11 7.44 -0.81
C HIS A 264 -1.19 6.33 -1.86
N TYR A 265 -2.37 6.12 -2.46
CA TYR A 265 -2.54 5.12 -3.50
C TYR A 265 -2.62 5.77 -4.88
N ILE A 266 -2.16 5.06 -5.91
CA ILE A 266 -2.68 5.26 -7.26
C ILE A 266 -3.76 4.23 -7.44
N VAL A 267 -4.95 4.68 -7.83
CA VAL A 267 -6.08 3.78 -8.07
C VAL A 267 -6.58 3.97 -9.50
N TYR A 268 -7.47 3.10 -9.93
CA TYR A 268 -8.08 3.26 -11.25
C TYR A 268 -9.57 2.97 -11.28
N ALA A 269 -10.20 3.58 -12.27
CA ALA A 269 -11.63 3.46 -12.50
C ALA A 269 -11.88 3.41 -14.00
N THR A 270 -12.88 2.64 -14.43
CA THR A 270 -13.09 2.40 -15.87
C THR A 270 -14.43 2.96 -16.37
N GLY A 271 -14.43 3.41 -17.62
CA GLY A 271 -15.64 3.91 -18.28
C GLY A 271 -15.60 3.64 -19.77
N ASP A 272 -16.68 4.02 -20.47
CA ASP A 272 -16.82 3.72 -21.90
C ASP A 272 -16.64 4.95 -22.81
N ASN A 273 -16.28 6.09 -22.23
CA ASN A 273 -16.02 7.30 -23.03
C ASN A 273 -15.16 8.27 -22.21
N PRO A 274 -14.58 9.31 -22.84
CA PRO A 274 -13.65 10.19 -22.09
C PRO A 274 -14.20 10.89 -20.84
N TYR A 275 -15.50 11.18 -20.85
CA TYR A 275 -16.14 11.96 -19.81
C TYR A 275 -16.63 11.14 -18.62
N GLY A 276 -16.60 9.83 -18.73
CA GLY A 276 -17.15 8.95 -17.71
C GLY A 276 -18.67 8.85 -17.77
N PRO A 277 -19.33 8.40 -16.71
CA PRO A 277 -18.72 8.13 -15.40
C PRO A 277 -17.72 6.98 -15.40
N PHE A 278 -16.84 6.99 -14.41
CA PHE A 278 -15.87 5.91 -14.25
C PHE A 278 -16.20 5.14 -13.00
N THR A 279 -16.12 3.81 -13.09
CA THR A 279 -16.43 2.93 -11.95
C THR A 279 -15.10 2.51 -11.32
N TYR A 280 -14.93 2.83 -10.04
CA TYR A 280 -13.76 2.44 -9.26
C TYR A 280 -13.53 0.93 -9.32
N ARG A 281 -12.31 0.51 -9.69
CA ARG A 281 -11.97 -0.91 -9.79
C ARG A 281 -10.99 -1.39 -8.72
N GLY A 282 -9.89 -0.68 -8.54
CA GLY A 282 -8.92 -1.06 -7.53
C GLY A 282 -7.65 -0.25 -7.58
N VAL A 283 -6.60 -0.80 -6.96
CA VAL A 283 -5.33 -0.10 -6.77
C VAL A 283 -4.37 -0.42 -7.92
N ILE A 284 -3.74 0.60 -8.45
CA ILE A 284 -2.62 0.47 -9.40
C ILE A 284 -1.29 0.32 -8.66
N LEU A 285 -1.05 1.22 -7.71
CA LEU A 285 0.23 1.28 -7.02
C LEU A 285 0.01 1.55 -5.54
N ASN A 286 0.54 0.67 -4.71
CA ASN A 286 0.50 0.88 -3.26
C ASN A 286 1.46 1.99 -2.81
N PRO A 287 1.35 2.42 -1.53
CA PRO A 287 2.15 3.57 -1.11
C PRO A 287 3.67 3.39 -1.16
N VAL A 288 4.34 4.48 -1.53
CA VAL A 288 5.79 4.50 -1.72
C VAL A 288 6.47 5.18 -0.52
N ILE A 289 7.80 5.27 -0.58
CA ILE A 289 8.58 6.07 0.33
C ILE A 289 8.28 7.52 -0.01
N GLY A 290 7.93 8.32 1.00
CA GLY A 290 7.53 9.70 0.82
C GLY A 290 6.03 9.83 0.65
N TRP A 291 5.49 10.98 1.03
CA TRP A 291 4.05 11.21 1.11
C TRP A 291 3.33 11.14 -0.23
N THR A 292 3.92 11.73 -1.28
CA THR A 292 3.20 11.86 -2.54
C THR A 292 3.35 10.62 -3.39
N ASN A 293 2.37 10.40 -4.26
CA ASN A 293 2.37 9.28 -5.19
C ASN A 293 1.81 9.82 -6.49
N HIS A 294 2.55 9.67 -7.58
CA HIS A 294 2.22 10.33 -8.86
C HIS A 294 2.85 9.54 -10.01
N HIS A 295 2.10 9.40 -11.10
CA HIS A 295 2.37 8.34 -12.06
C HIS A 295 1.94 8.70 -13.47
N SER A 296 2.30 7.81 -14.39
CA SER A 296 1.66 7.70 -15.69
C SER A 296 1.77 6.26 -16.17
N ILE A 297 0.94 5.91 -17.14
CA ILE A 297 0.82 4.56 -17.70
C ILE A 297 0.92 4.69 -19.21
N VAL A 298 1.86 3.99 -19.81
CA VAL A 298 2.17 4.13 -21.24
C VAL A 298 2.54 2.79 -21.87
N GLU A 299 2.11 2.58 -23.12
CA GLU A 299 2.49 1.41 -23.89
C GLU A 299 3.70 1.75 -24.76
N PHE A 300 4.73 0.91 -24.68
CA PHE A 300 5.95 1.11 -25.47
C PHE A 300 6.40 -0.24 -26.01
N ASN A 301 6.47 -0.36 -27.34
CA ASN A 301 6.79 -1.61 -28.02
C ASN A 301 5.93 -2.80 -27.56
N GLY A 302 4.64 -2.54 -27.33
CA GLY A 302 3.71 -3.59 -26.97
C GLY A 302 3.66 -3.97 -25.49
N LYS A 303 4.51 -3.38 -24.66
CA LYS A 303 4.48 -3.59 -23.21
C LYS A 303 3.95 -2.34 -22.53
N TRP A 304 3.19 -2.53 -21.45
CA TRP A 304 2.67 -1.44 -20.65
C TRP A 304 3.58 -1.21 -19.45
N TYR A 305 3.85 0.07 -19.19
CA TYR A 305 4.72 0.50 -18.11
C TYR A 305 4.03 1.49 -17.22
N LEU A 306 4.33 1.40 -15.93
CA LEU A 306 3.93 2.38 -14.92
C LEU A 306 5.18 3.18 -14.58
N PHE A 307 5.16 4.47 -14.91
CA PHE A 307 6.14 5.42 -14.39
C PHE A 307 5.60 6.04 -13.11
N TYR A 308 6.45 6.13 -12.10
CA TYR A 308 6.05 6.66 -10.80
C TYR A 308 7.25 7.30 -10.12
N HIS A 309 7.09 7.76 -8.88
CA HIS A 309 8.25 8.26 -8.12
C HIS A 309 8.22 7.82 -6.68
N ASP A 310 9.35 8.05 -6.02
CA ASP A 310 9.43 7.95 -4.57
C ASP A 310 10.53 8.87 -4.02
N SER A 311 10.68 8.87 -2.69
CA SER A 311 11.68 9.68 -2.02
C SER A 311 12.88 8.84 -1.57
N SER A 312 13.19 7.76 -2.30
CA SER A 312 14.26 6.83 -1.90
C SER A 312 15.66 7.46 -2.02
N LEU A 313 15.90 8.15 -3.13
CA LEU A 313 17.22 8.75 -3.37
C LEU A 313 17.63 9.82 -2.36
N SER A 314 16.65 10.60 -1.90
CA SER A 314 16.90 11.66 -0.91
C SER A 314 16.94 11.17 0.53
N GLY A 315 16.78 9.86 0.75
CA GLY A 315 16.68 9.30 2.10
C GLY A 315 15.35 9.56 2.78
N GLY A 316 14.28 9.72 2.00
CA GLY A 316 12.94 9.88 2.54
C GLY A 316 12.39 11.30 2.62
N LYS A 317 12.98 12.26 1.93
CA LYS A 317 12.45 13.62 1.94
C LYS A 317 11.32 13.71 0.93
N THR A 318 10.13 14.06 1.40
CA THR A 318 8.92 14.08 0.55
C THR A 318 9.06 14.99 -0.68
N HIS A 319 9.76 16.11 -0.53
CA HIS A 319 9.91 17.09 -1.63
C HIS A 319 11.14 16.89 -2.53
N LEU A 320 11.90 15.82 -2.29
CA LEU A 320 13.06 15.49 -3.12
C LEU A 320 12.91 14.05 -3.60
N ARG A 321 12.37 13.91 -4.80
CA ARG A 321 11.90 12.63 -5.30
C ARG A 321 12.76 12.14 -6.46
N CYS A 322 12.54 10.90 -6.83
CA CYS A 322 13.17 10.31 -8.02
C CYS A 322 12.16 9.43 -8.75
N ILE A 323 12.14 9.54 -10.07
CA ILE A 323 11.25 8.72 -10.89
C ILE A 323 11.82 7.32 -11.12
N LYS A 324 10.88 6.38 -11.28
CA LYS A 324 11.16 4.96 -11.49
C LYS A 324 10.14 4.42 -12.48
N VAL A 325 10.40 3.22 -12.98
CA VAL A 325 9.48 2.55 -13.92
C VAL A 325 9.38 1.07 -13.62
N THR A 326 8.20 0.51 -13.86
CA THR A 326 8.02 -0.94 -13.77
C THR A 326 6.98 -1.39 -14.79
N GLU A 327 7.01 -2.67 -15.12
CA GLU A 327 6.01 -3.22 -16.04
C GLU A 327 4.64 -3.34 -15.35
N LEU A 328 3.59 -3.00 -16.09
CA LEU A 328 2.22 -3.06 -15.60
C LEU A 328 1.47 -4.16 -16.37
N THR A 329 0.73 -4.99 -15.64
CA THR A 329 0.02 -6.13 -16.22
C THR A 329 -1.50 -5.94 -16.20
N HIS A 330 -2.09 -5.77 -17.38
CA HIS A 330 -3.55 -5.89 -17.56
C HIS A 330 -3.90 -7.36 -17.72
N ASN A 331 -5.06 -7.73 -17.19
CA ASN A 331 -5.69 -8.99 -17.54
C ASN A 331 -6.62 -8.73 -18.71
N ALA A 332 -7.00 -9.78 -19.42
CA ALA A 332 -7.84 -9.64 -20.61
C ALA A 332 -9.23 -9.10 -20.28
N ASP A 333 -9.72 -9.36 -19.07
CA ASP A 333 -11.01 -8.79 -18.61
C ASP A 333 -10.92 -7.30 -18.25
N GLY A 334 -9.73 -6.70 -18.39
CA GLY A 334 -9.57 -5.28 -18.16
C GLY A 334 -9.12 -4.89 -16.76
N THR A 335 -9.07 -5.85 -15.83
CA THR A 335 -8.53 -5.59 -14.51
C THR A 335 -7.01 -5.44 -14.63
N ILE A 336 -6.42 -4.73 -13.67
CA ILE A 336 -4.98 -4.50 -13.61
C ILE A 336 -4.46 -5.08 -12.32
N GLU A 337 -3.33 -5.80 -12.41
CA GLU A 337 -2.66 -6.34 -11.23
C GLU A 337 -2.03 -5.22 -10.43
N THR A 338 -2.38 -5.14 -9.15
CA THR A 338 -1.81 -4.13 -8.26
C THR A 338 -0.29 -4.30 -8.14
N ILE A 339 0.42 -3.18 -8.25
CA ILE A 339 1.86 -3.14 -8.02
C ILE A 339 2.14 -2.67 -6.59
N SER A 340 3.00 -3.43 -5.90
CA SER A 340 3.57 -2.99 -4.62
C SER A 340 5.02 -2.65 -4.92
N PRO A 341 5.45 -1.42 -4.55
CA PRO A 341 6.73 -0.91 -5.06
C PRO A 341 8.02 -1.62 -4.61
N TYR A 342 8.02 -2.30 -3.47
CA TYR A 342 9.27 -2.80 -2.87
C TYR A 342 9.23 -4.29 -2.57
N ILE A 343 8.64 -5.07 -3.47
CA ILE A 343 8.48 -6.50 -3.19
C ILE A 343 9.43 -7.39 -3.98
N GLU A 344 9.32 -7.40 -5.30
CA GLU A 344 10.13 -8.33 -6.11
C GLU A 344 11.57 -7.82 -6.26
N HIS B 20 12.06 6.36 15.26
CA HIS B 20 11.44 6.71 13.94
C HIS B 20 11.49 5.53 12.94
N MET B 21 10.79 4.45 13.31
CA MET B 21 10.63 3.27 12.45
C MET B 21 11.95 2.69 11.89
N GLU B 22 12.95 2.60 12.77
CA GLU B 22 14.20 1.85 12.50
C GLU B 22 13.96 0.40 12.90
N PRO B 23 14.82 -0.53 12.45
CA PRO B 23 14.67 -1.90 12.97
C PRO B 23 14.91 -1.95 14.47
N LEU B 24 14.09 -2.71 15.18
CA LEU B 24 14.23 -2.88 16.63
C LEU B 24 15.43 -3.74 16.99
N VAL B 25 15.73 -4.70 16.11
CA VAL B 25 16.79 -5.66 16.29
C VAL B 25 17.62 -5.61 15.02
N THR B 26 18.95 -5.50 15.16
CA THR B 26 19.87 -5.45 14.02
C THR B 26 20.90 -6.58 13.96
N HIS B 27 20.96 -7.42 14.99
CA HIS B 27 22.00 -8.47 15.10
C HIS B 27 21.52 -9.84 14.63
N ILE B 28 20.20 -10.03 14.51
CA ILE B 28 19.60 -11.22 13.90
C ILE B 28 18.42 -10.74 13.06
N TYR B 29 17.97 -11.58 12.15
CA TYR B 29 16.76 -11.33 11.38
C TYR B 29 15.54 -11.84 12.16
N THR B 30 14.50 -11.01 12.24
CA THR B 30 13.30 -11.29 13.02
C THR B 30 12.03 -10.96 12.23
N ALA B 31 10.96 -11.70 12.52
CA ALA B 31 9.71 -11.57 11.78
C ALA B 31 8.51 -11.93 12.64
N ASP B 32 7.33 -11.64 12.12
CA ASP B 32 6.07 -12.08 12.70
C ASP B 32 5.91 -11.75 14.19
N PRO B 33 6.13 -10.48 14.57
CA PRO B 33 6.19 -10.14 15.99
C PRO B 33 4.85 -10.23 16.74
N SER B 34 4.80 -11.04 17.80
CA SER B 34 3.68 -11.04 18.74
C SER B 34 4.12 -10.37 20.04
N ALA B 35 3.57 -9.19 20.33
CA ALA B 35 3.95 -8.41 21.51
C ALA B 35 2.91 -8.54 22.61
N HIS B 36 3.40 -8.74 23.84
CA HIS B 36 2.58 -8.85 25.05
C HIS B 36 3.21 -8.03 26.16
N VAL B 37 2.38 -7.57 27.11
CA VAL B 37 2.87 -6.93 28.32
C VAL B 37 2.84 -7.99 29.42
N PHE B 38 4.02 -8.48 29.82
CA PHE B 38 4.19 -9.40 30.94
C PHE B 38 5.17 -8.76 31.94
N ASP B 39 4.88 -8.84 33.24
CA ASP B 39 5.74 -8.25 34.30
C ASP B 39 6.01 -6.75 34.10
N GLY B 40 5.01 -6.02 33.61
CA GLY B 40 5.17 -4.61 33.27
C GLY B 40 6.19 -4.26 32.20
N LYS B 41 6.59 -5.24 31.37
CA LYS B 41 7.50 -5.02 30.24
C LYS B 41 6.83 -5.51 28.97
N VAL B 42 7.34 -5.07 27.82
CA VAL B 42 6.88 -5.60 26.54
C VAL B 42 7.75 -6.79 26.17
N TYR B 43 7.15 -7.97 26.10
CA TYR B 43 7.81 -9.15 25.56
C TYR B 43 7.34 -9.42 24.13
N ILE B 44 8.29 -9.75 23.26
CA ILE B 44 8.01 -9.94 21.84
C ILE B 44 8.45 -11.35 21.45
N TYR B 45 7.56 -12.07 20.77
CA TYR B 45 7.76 -13.44 20.34
C TYR B 45 7.72 -13.44 18.81
N PRO B 46 8.90 -13.31 18.17
CA PRO B 46 8.97 -13.30 16.72
C PRO B 46 9.55 -14.59 16.16
N SER B 47 9.36 -14.80 14.88
CA SER B 47 10.13 -15.81 14.16
C SER B 47 11.56 -15.32 14.06
N HIS B 48 12.51 -16.25 13.95
CA HIS B 48 13.93 -15.93 13.80
C HIS B 48 14.34 -16.41 12.42
N ASP B 49 14.48 -15.48 11.48
CA ASP B 49 14.80 -15.82 10.10
C ASP B 49 16.26 -16.23 9.98
N ILE B 50 16.54 -17.22 9.14
CA ILE B 50 17.90 -17.61 8.80
C ILE B 50 18.03 -17.82 7.31
N ASP B 51 19.24 -17.57 6.80
CA ASP B 51 19.53 -17.73 5.39
C ASP B 51 19.85 -19.20 5.12
N ALA B 52 18.80 -19.99 4.94
CA ALA B 52 18.93 -21.43 4.65
C ALA B 52 19.26 -21.73 3.18
N GLY B 53 18.91 -20.82 2.27
CA GLY B 53 19.16 -20.99 0.84
C GLY B 53 18.29 -22.03 0.15
N THR B 54 17.13 -22.34 0.74
CA THR B 54 16.15 -23.27 0.16
C THR B 54 15.28 -22.49 -0.87
N PRO B 55 14.66 -23.19 -1.83
CA PRO B 55 14.05 -22.48 -2.97
C PRO B 55 12.79 -21.67 -2.65
N GLU B 56 12.69 -20.47 -3.23
CA GLU B 56 11.52 -19.61 -3.06
C GLU B 56 10.34 -20.13 -3.90
N ASN B 57 9.19 -20.26 -3.27
CA ASN B 57 7.94 -20.70 -3.94
C ASN B 57 6.69 -20.30 -3.16
N ASP B 58 5.52 -20.56 -3.74
CA ASP B 58 4.23 -20.33 -3.08
C ASP B 58 4.05 -21.14 -1.79
N MET B 59 4.71 -22.30 -1.69
CA MET B 59 4.64 -23.16 -0.50
C MET B 59 5.43 -22.60 0.69
N GLY B 60 6.40 -21.73 0.42
CA GLY B 60 7.20 -21.09 1.48
C GLY B 60 8.37 -21.91 2.01
N ASP B 61 9.01 -22.71 1.15
CA ASP B 61 10.17 -23.50 1.55
C ASP B 61 11.35 -22.64 2.00
N HIS B 62 11.53 -21.49 1.35
CA HIS B 62 12.47 -20.42 1.76
C HIS B 62 12.36 -19.91 3.21
N PHE B 63 11.22 -20.12 3.86
CA PHE B 63 11.05 -19.86 5.28
C PHE B 63 11.35 -21.13 6.07
N ASP B 64 12.62 -21.29 6.43
CA ASP B 64 13.12 -22.55 7.01
C ASP B 64 13.67 -22.34 8.42
N MET B 65 12.93 -21.59 9.22
CA MET B 65 13.36 -21.21 10.55
C MET B 65 13.41 -22.43 11.48
N ARG B 66 14.30 -22.37 12.47
CA ARG B 66 14.60 -23.50 13.36
C ARG B 66 14.50 -23.22 14.86
N ASP B 67 14.38 -21.96 15.28
CA ASP B 67 14.26 -21.64 16.70
C ASP B 67 13.55 -20.31 16.95
N TYR B 68 13.28 -20.02 18.23
CA TYR B 68 12.74 -18.72 18.65
C TYR B 68 13.64 -18.09 19.70
N HIS B 69 13.97 -16.81 19.51
CA HIS B 69 14.51 -15.95 20.56
C HIS B 69 13.38 -15.08 21.10
N VAL B 70 13.31 -14.89 22.42
CA VAL B 70 12.34 -13.96 23.01
C VAL B 70 13.04 -12.62 23.21
N LEU B 71 12.35 -11.55 22.86
CA LEU B 71 12.86 -10.18 23.03
C LEU B 71 12.04 -9.45 24.10
N SER B 72 12.62 -8.42 24.71
CA SER B 72 11.87 -7.55 25.60
C SER B 72 12.34 -6.10 25.55
N MET B 73 11.41 -5.20 25.90
CA MET B 73 11.66 -3.76 26.02
C MET B 73 11.00 -3.26 27.29
N ASN B 74 11.66 -2.35 28.00
CA ASN B 74 11.06 -1.72 29.21
C ASN B 74 10.26 -0.46 28.90
N SER B 75 10.53 0.15 27.75
CA SER B 75 9.79 1.30 27.27
C SER B 75 9.78 1.26 25.76
N ILE B 76 8.83 1.99 25.16
CA ILE B 76 8.83 2.21 23.71
C ILE B 76 8.88 3.75 23.48
N PRO B 77 9.94 4.27 22.85
CA PRO B 77 11.13 3.52 22.44
C PRO B 77 11.98 3.08 23.63
N GLY B 78 12.86 2.13 23.37
CA GLY B 78 13.80 1.68 24.38
C GLY B 78 14.71 0.60 23.86
N GLU B 79 15.68 0.24 24.69
CA GLU B 79 16.64 -0.79 24.35
C GLU B 79 15.94 -2.14 24.29
N VAL B 80 16.31 -2.96 23.30
CA VAL B 80 15.71 -4.27 23.12
C VAL B 80 16.69 -5.32 23.61
N THR B 81 16.23 -6.18 24.52
CA THR B 81 17.05 -7.24 25.06
C THR B 81 16.68 -8.53 24.35
N ASP B 82 17.69 -9.22 23.82
CA ASP B 82 17.53 -10.54 23.24
C ASP B 82 17.87 -11.52 24.35
N HIS B 83 16.89 -12.32 24.76
CA HIS B 83 17.08 -13.29 25.83
C HIS B 83 17.70 -14.62 25.38
N GLY B 84 18.03 -14.74 24.09
CA GLY B 84 18.67 -15.92 23.53
C GLY B 84 17.63 -16.92 23.09
N VAL B 85 18.09 -18.12 22.77
CA VAL B 85 17.21 -19.17 22.23
C VAL B 85 16.28 -19.65 23.34
N ALA B 86 14.97 -19.50 23.12
CA ALA B 86 13.94 -19.96 24.06
C ALA B 86 13.40 -21.36 23.72
N LEU B 87 13.51 -21.75 22.46
CA LEU B 87 13.04 -23.05 21.99
C LEU B 87 13.67 -23.35 20.64
N ASP B 88 14.12 -24.58 20.46
CA ASP B 88 14.78 -25.03 19.24
C ASP B 88 14.04 -26.25 18.69
N ILE B 89 13.87 -26.29 17.38
CA ILE B 89 13.15 -27.41 16.73
C ILE B 89 13.72 -28.79 17.06
N LYS B 90 15.01 -28.87 17.34
CA LYS B 90 15.67 -30.12 17.71
C LYS B 90 15.12 -30.75 18.98
N ASP B 91 14.54 -29.92 19.86
CA ASP B 91 13.92 -30.38 21.11
C ASP B 91 12.42 -30.63 21.05
N ILE B 92 11.78 -30.43 19.89
CA ILE B 92 10.35 -30.62 19.73
C ILE B 92 10.13 -32.00 19.07
N PRO B 93 9.70 -33.01 19.84
CA PRO B 93 9.67 -34.39 19.32
C PRO B 93 8.82 -34.59 18.05
N TRP B 94 7.67 -33.94 17.97
CA TRP B 94 6.76 -34.10 16.83
C TRP B 94 7.14 -33.28 15.59
N ALA B 95 7.96 -32.25 15.74
CA ALA B 95 8.21 -31.28 14.65
C ALA B 95 9.32 -31.75 13.72
N GLY B 96 9.08 -31.68 12.41
CA GLY B 96 10.07 -31.99 11.39
C GLY B 96 10.83 -30.75 10.91
N ARG B 97 10.09 -29.68 10.61
CA ARG B 97 10.70 -28.45 10.08
C ARG B 97 9.77 -27.24 10.18
N GLN B 98 10.37 -26.06 9.98
CA GLN B 98 9.67 -24.79 9.75
C GLN B 98 8.90 -24.27 10.96
N LEU B 99 9.65 -23.65 11.87
CA LEU B 99 9.10 -22.98 13.04
C LEU B 99 8.66 -21.59 12.64
N TRP B 100 7.36 -21.43 12.40
CA TRP B 100 6.80 -20.22 11.81
C TRP B 100 6.18 -19.31 12.90
N ALA B 101 5.42 -18.29 12.49
CA ALA B 101 4.95 -17.21 13.37
C ALA B 101 4.36 -17.69 14.71
N PRO B 102 5.03 -17.37 15.85
CA PRO B 102 4.55 -17.84 17.16
C PRO B 102 3.70 -16.81 17.90
N ASP B 103 3.19 -17.23 19.06
CA ASP B 103 2.61 -16.31 20.03
C ASP B 103 2.85 -16.88 21.44
N ALA B 104 2.59 -16.08 22.47
CA ALA B 104 2.68 -16.52 23.85
C ALA B 104 1.49 -16.05 24.67
N ALA B 105 1.19 -16.79 25.74
CA ALA B 105 0.20 -16.38 26.73
C ALA B 105 0.73 -16.64 28.13
N SER B 106 0.17 -15.93 29.09
CA SER B 106 0.48 -16.09 30.51
C SER B 106 -0.77 -16.49 31.28
N LYS B 107 -0.66 -17.48 32.16
CA LYS B 107 -1.76 -17.87 33.05
C LYS B 107 -1.20 -18.46 34.34
N ASP B 108 -1.63 -17.89 35.47
CA ASP B 108 -1.27 -18.39 36.81
C ASP B 108 0.24 -18.55 36.99
N GLY B 109 0.99 -17.55 36.58
CA GLY B 109 2.45 -17.56 36.71
C GLY B 109 3.21 -18.54 35.83
N LYS B 110 2.57 -19.08 34.80
CA LYS B 110 3.23 -19.89 33.78
C LYS B 110 3.08 -19.20 32.43
N TYR B 111 4.01 -19.49 31.53
CA TYR B 111 4.05 -18.89 30.20
C TYR B 111 4.04 -19.98 29.17
N TYR B 112 3.23 -19.76 28.12
CA TYR B 112 2.94 -20.77 27.11
C TYR B 112 3.32 -20.20 25.77
N LEU B 113 4.26 -20.84 25.09
CA LEU B 113 4.67 -20.47 23.74
C LEU B 113 3.90 -21.35 22.77
N TYR B 114 3.11 -20.75 21.89
CA TYR B 114 2.35 -21.45 20.86
C TYR B 114 3.03 -21.27 19.52
N PHE B 115 3.27 -22.37 18.82
CA PHE B 115 4.08 -22.29 17.61
C PHE B 115 3.55 -23.24 16.53
N PRO B 116 3.53 -22.78 15.28
CA PRO B 116 3.20 -23.60 14.14
C PRO B 116 4.46 -24.28 13.63
N ALA B 117 4.35 -25.56 13.27
CA ALA B 117 5.45 -26.30 12.67
C ALA B 117 4.92 -27.49 11.88
N LYS B 118 5.67 -27.91 10.88
CA LYS B 118 5.33 -29.12 10.13
C LYS B 118 5.70 -30.36 10.91
N ASP B 119 4.75 -31.30 11.01
CA ASP B 119 5.01 -32.59 11.64
C ASP B 119 5.81 -33.47 10.66
N LYS B 120 6.06 -34.73 11.03
CA LYS B 120 6.90 -35.59 10.18
C LYS B 120 6.21 -36.11 8.90
N GLU B 121 4.94 -35.75 8.68
CA GLU B 121 4.29 -35.92 7.38
C GLU B 121 4.15 -34.60 6.59
N ASP B 122 4.91 -33.57 6.98
CA ASP B 122 4.86 -32.24 6.34
C ASP B 122 3.47 -31.54 6.40
N ILE B 123 2.75 -31.80 7.48
CA ILE B 123 1.45 -31.16 7.71
C ILE B 123 1.63 -30.21 8.88
N PHE B 124 1.33 -28.93 8.66
CA PHE B 124 1.40 -27.92 9.71
C PHE B 124 0.42 -28.24 10.84
N ARG B 125 0.93 -28.24 12.07
CA ARG B 125 0.13 -28.32 13.29
C ARG B 125 0.59 -27.20 14.20
N ILE B 126 -0.14 -27.00 15.31
CA ILE B 126 0.25 -26.02 16.32
C ILE B 126 0.52 -26.73 17.65
N GLY B 127 1.67 -26.43 18.23
CA GLY B 127 2.12 -27.02 19.48
C GLY B 127 2.27 -25.99 20.57
N VAL B 128 2.46 -26.48 21.79
CA VAL B 128 2.69 -25.62 22.94
C VAL B 128 3.99 -26.05 23.65
N ALA B 129 4.66 -25.07 24.23
CA ALA B 129 5.79 -25.29 25.11
C ALA B 129 5.60 -24.41 26.34
N VAL B 130 6.13 -24.84 27.48
CA VAL B 130 5.84 -24.19 28.77
C VAL B 130 7.11 -23.72 29.50
N SER B 131 6.99 -22.57 30.16
CA SER B 131 8.06 -22.04 31.02
C SER B 131 7.50 -21.33 32.24
N ASP B 132 8.35 -21.18 33.25
CA ASP B 132 8.04 -20.35 34.43
C ASP B 132 8.40 -18.88 34.21
N SER B 133 9.09 -18.58 33.10
CA SER B 133 9.53 -17.22 32.77
C SER B 133 9.01 -16.82 31.38
N PRO B 134 8.67 -15.53 31.20
CA PRO B 134 8.26 -15.06 29.87
C PRO B 134 9.36 -15.21 28.80
N ALA B 135 10.62 -15.19 29.21
CA ALA B 135 11.76 -15.34 28.30
C ALA B 135 12.20 -16.79 28.08
N GLY B 136 11.53 -17.74 28.73
CA GLY B 136 11.86 -19.15 28.56
C GLY B 136 13.09 -19.53 29.38
N PRO B 137 13.78 -20.61 29.02
CA PRO B 137 13.44 -21.50 27.91
C PRO B 137 12.13 -22.25 28.12
N PHE B 138 11.46 -22.60 27.03
CA PHE B 138 10.17 -23.28 27.06
C PHE B 138 10.36 -24.75 26.77
N LYS B 139 9.69 -25.60 27.57
CA LYS B 139 9.75 -27.05 27.39
C LYS B 139 8.57 -27.50 26.53
N PRO B 140 8.84 -28.09 25.35
CA PRO B 140 7.75 -28.46 24.44
C PRO B 140 6.98 -29.69 24.88
N GLU B 141 5.67 -29.70 24.63
CA GLU B 141 4.87 -30.91 24.74
C GLU B 141 5.28 -31.85 23.63
N SER B 142 5.17 -33.16 23.87
CA SER B 142 5.69 -34.15 22.93
C SER B 142 4.86 -34.28 21.64
N GLU B 143 3.58 -33.88 21.69
CA GLU B 143 2.69 -33.93 20.53
C GLU B 143 2.05 -32.55 20.32
N PRO B 144 1.56 -32.25 19.10
CA PRO B 144 0.87 -30.98 18.88
C PRO B 144 -0.52 -30.97 19.52
N ILE B 145 -1.17 -29.79 19.52
CA ILE B 145 -2.52 -29.66 20.08
C ILE B 145 -3.47 -30.49 19.23
N LYS B 146 -4.22 -31.36 19.88
CA LYS B 146 -5.16 -32.23 19.19
C LYS B 146 -6.27 -31.37 18.58
N GLY B 147 -6.55 -31.57 17.31
CA GLY B 147 -7.54 -30.78 16.59
C GLY B 147 -6.98 -29.52 15.94
N SER B 148 -5.68 -29.24 16.13
CA SER B 148 -5.06 -28.07 15.53
C SER B 148 -4.53 -28.42 14.16
N TYR B 149 -4.34 -27.38 13.36
CA TYR B 149 -3.79 -27.51 12.02
C TYR B 149 -3.43 -26.13 11.51
N SER B 150 -2.70 -26.10 10.40
CA SER B 150 -2.30 -24.86 9.74
C SER B 150 -1.43 -24.01 10.67
N ILE B 151 -1.44 -22.69 10.53
CA ILE B 151 -0.34 -21.88 11.04
C ILE B 151 -0.79 -20.64 11.83
N ASP B 152 0.20 -19.86 12.26
CA ASP B 152 0.01 -18.50 12.75
C ASP B 152 -0.99 -18.37 13.91
N PRO B 153 -0.71 -19.06 15.03
CA PRO B 153 -1.58 -18.91 16.19
C PRO B 153 -1.53 -17.51 16.80
N ALA B 154 -2.68 -17.05 17.30
CA ALA B 154 -2.71 -15.91 18.20
C ALA B 154 -3.60 -16.31 19.37
N VAL B 155 -3.07 -16.23 20.59
CA VAL B 155 -3.83 -16.61 21.78
C VAL B 155 -4.22 -15.35 22.56
N PHE B 156 -5.52 -15.11 22.63
CA PHE B 156 -6.09 -13.87 23.14
C PHE B 156 -6.75 -14.12 24.48
N LYS B 157 -6.45 -13.29 25.47
CA LYS B 157 -7.11 -13.39 26.77
C LYS B 157 -8.18 -12.31 26.85
N ASP B 158 -9.43 -12.72 26.96
CA ASP B 158 -10.55 -11.78 27.07
C ASP B 158 -10.70 -11.25 28.51
N ASP B 159 -11.52 -10.21 28.68
CA ASP B 159 -11.77 -9.56 30.00
C ASP B 159 -12.39 -10.48 31.05
N ASP B 160 -13.07 -11.54 30.62
CA ASP B 160 -13.65 -12.56 31.51
C ASP B 160 -12.70 -13.70 31.89
N GLY B 161 -11.45 -13.63 31.44
CA GLY B 161 -10.45 -14.64 31.77
C GLY B 161 -10.40 -15.83 30.84
N LYS B 162 -11.22 -15.84 29.79
CA LYS B 162 -11.20 -16.92 28.81
C LYS B 162 -10.10 -16.62 27.78
N TYR B 163 -9.43 -17.68 27.34
CA TYR B 163 -8.36 -17.58 26.36
C TYR B 163 -8.81 -18.28 25.10
N TYR B 164 -8.63 -17.63 23.95
CA TYR B 164 -9.02 -18.17 22.65
C TYR B 164 -7.81 -18.22 21.73
N MET B 165 -7.63 -19.32 20.99
CA MET B 165 -6.65 -19.36 19.92
C MET B 165 -7.33 -19.05 18.59
N TYR B 166 -6.83 -18.01 17.93
CA TYR B 166 -7.12 -17.72 16.53
C TYR B 166 -5.99 -18.31 15.70
N PHE B 167 -6.31 -18.93 14.56
CA PHE B 167 -5.26 -19.52 13.74
C PHE B 167 -5.67 -19.76 12.30
N GLY B 168 -4.66 -20.04 11.49
CA GLY B 168 -4.86 -20.39 10.10
C GLY B 168 -4.02 -19.57 9.15
N GLY B 169 -3.67 -20.18 8.03
CA GLY B 169 -3.10 -19.49 6.89
C GLY B 169 -3.31 -20.32 5.66
N ILE B 170 -3.66 -19.67 4.55
CA ILE B 170 -3.84 -20.34 3.27
C ILE B 170 -2.50 -20.47 2.53
N TRP B 171 -2.52 -20.97 1.29
CA TRP B 171 -1.32 -21.17 0.48
C TRP B 171 -0.39 -22.15 1.24
N GLY B 172 0.86 -21.76 1.53
CA GLY B 172 1.79 -22.62 2.26
C GLY B 172 1.36 -23.00 3.67
N GLY B 173 0.44 -22.24 4.25
CA GLY B 173 -0.14 -22.57 5.56
C GLY B 173 -1.12 -23.73 5.57
N GLN B 174 -1.57 -24.15 4.38
CA GLN B 174 -2.39 -25.37 4.19
C GLN B 174 -3.83 -25.32 4.69
N LEU B 175 -4.33 -24.17 5.14
CA LEU B 175 -5.71 -24.09 5.66
C LEU B 175 -6.78 -24.54 4.63
N GLN B 176 -6.55 -24.19 3.36
CA GLN B 176 -7.39 -24.66 2.24
C GLN B 176 -7.53 -26.20 2.10
N ARG B 177 -6.60 -26.95 2.70
CA ARG B 177 -6.66 -28.42 2.70
C ARG B 177 -7.41 -29.04 3.90
N TRP B 178 -8.04 -28.21 4.73
CA TRP B 178 -8.78 -28.68 5.92
C TRP B 178 -10.28 -28.37 5.86
N THR B 179 -10.82 -28.15 4.66
CA THR B 179 -12.24 -27.79 4.47
C THR B 179 -13.18 -28.81 5.10
N THR B 180 -12.93 -30.09 4.84
CA THR B 180 -13.79 -31.18 5.33
C THR B 180 -13.62 -31.46 6.82
N GLY B 181 -12.42 -31.21 7.35
CA GLY B 181 -12.08 -31.52 8.74
C GLY B 181 -10.86 -32.43 8.84
N GLU B 182 -10.55 -33.13 7.75
CA GLU B 182 -9.34 -33.95 7.63
C GLU B 182 -8.44 -33.38 6.53
N TYR B 183 -7.16 -33.73 6.58
CA TYR B 183 -6.19 -33.24 5.61
C TYR B 183 -6.45 -33.80 4.21
N ALA B 184 -6.65 -32.91 3.24
CA ALA B 184 -6.94 -33.31 1.86
C ALA B 184 -5.74 -33.92 1.11
N GLY B 185 -4.54 -33.74 1.65
CA GLY B 185 -3.34 -34.42 1.13
C GLY B 185 -2.44 -33.46 0.38
N HIS B 186 -1.24 -33.93 0.06
CA HIS B 186 -0.20 -33.09 -0.54
C HIS B 186 -0.48 -32.66 -2.00
N ASP B 187 -1.37 -33.39 -2.69
CA ASP B 187 -1.79 -33.03 -4.04
C ASP B 187 -3.04 -32.12 -4.10
N ALA B 188 -3.59 -31.75 -2.94
CA ALA B 188 -4.75 -30.85 -2.87
C ALA B 188 -4.34 -29.39 -3.21
N SER B 189 -5.28 -28.45 -3.07
CA SER B 189 -5.04 -27.05 -3.46
C SER B 189 -3.79 -26.46 -2.80
N LYS B 190 -2.99 -25.77 -3.61
CA LYS B 190 -1.81 -25.07 -3.13
C LYS B 190 -2.13 -23.63 -2.75
N THR B 191 -3.37 -23.19 -2.98
CA THR B 191 -3.78 -21.81 -2.73
C THR B 191 -5.01 -21.73 -1.85
N ASP B 192 -6.20 -21.80 -2.45
CA ASP B 192 -7.45 -21.59 -1.72
C ASP B 192 -8.53 -22.57 -2.22
N LEU B 193 -9.82 -22.26 -2.07
CA LEU B 193 -10.89 -23.16 -2.52
C LEU B 193 -11.11 -23.15 -4.04
N GLU B 194 -10.49 -22.19 -4.73
CA GLU B 194 -10.62 -22.03 -6.19
C GLU B 194 -12.07 -21.86 -6.60
N GLN B 195 -12.80 -21.08 -5.79
CA GLN B 195 -14.19 -20.75 -6.04
C GLN B 195 -14.36 -19.30 -5.64
N ASP B 196 -13.97 -18.41 -6.55
CA ASP B 196 -13.88 -16.98 -6.26
C ASP B 196 -15.22 -16.32 -6.01
N ASP B 197 -16.30 -16.88 -6.58
CA ASP B 197 -17.66 -16.40 -6.34
C ASP B 197 -18.30 -16.97 -5.07
N ALA B 198 -17.64 -17.91 -4.40
CA ALA B 198 -18.07 -18.43 -3.09
C ALA B 198 -17.39 -17.68 -1.94
N PRO B 199 -17.98 -17.75 -0.72
CA PRO B 199 -17.33 -17.14 0.45
C PRO B 199 -15.88 -17.60 0.60
N ALA B 200 -15.00 -16.67 1.00
CA ALA B 200 -13.59 -17.00 1.21
C ALA B 200 -13.43 -17.92 2.42
N ILE B 201 -12.28 -18.59 2.50
CA ILE B 201 -11.91 -19.37 3.69
C ILE B 201 -11.80 -18.41 4.87
N GLY B 202 -12.33 -18.82 6.02
CA GLY B 202 -12.30 -18.00 7.22
C GLY B 202 -11.20 -18.47 8.16
N PRO B 203 -10.72 -17.59 9.05
CA PRO B 203 -9.77 -18.03 10.07
C PRO B 203 -10.46 -18.90 11.13
N ARG B 204 -9.65 -19.61 11.92
CA ARG B 204 -10.17 -20.55 12.92
C ARG B 204 -10.07 -20.00 14.32
N ILE B 205 -10.96 -20.49 15.18
CA ILE B 205 -10.95 -20.14 16.59
C ILE B 205 -11.32 -21.37 17.44
N ALA B 206 -10.69 -21.47 18.60
CA ALA B 206 -11.13 -22.41 19.64
C ALA B 206 -10.77 -21.82 20.99
N LEU B 207 -11.75 -21.84 21.89
CA LEU B 207 -11.53 -21.61 23.31
C LEU B 207 -10.48 -22.61 23.83
N MET B 208 -9.55 -22.12 24.66
CA MET B 208 -8.50 -22.96 25.22
C MET B 208 -8.98 -23.65 26.48
N SER B 209 -8.47 -24.85 26.71
CA SER B 209 -8.68 -25.60 27.96
C SER B 209 -8.09 -24.82 29.14
N ASP B 210 -8.50 -25.20 30.35
CA ASP B 210 -8.02 -24.54 31.55
C ASP B 210 -6.50 -24.65 31.72
N ASP B 211 -5.94 -25.80 31.35
CA ASP B 211 -4.47 -26.00 31.47
C ASP B 211 -3.66 -25.40 30.31
N MET B 212 -4.32 -24.78 29.34
CA MET B 212 -3.66 -24.05 28.24
C MET B 212 -2.92 -24.93 27.22
N LEU B 213 -3.09 -26.24 27.32
CA LEU B 213 -2.41 -27.20 26.45
C LEU B 213 -3.31 -27.76 25.35
N SER B 214 -4.61 -27.49 25.40
CA SER B 214 -5.62 -28.12 24.54
C SER B 214 -6.73 -27.17 24.18
N PHE B 215 -7.50 -27.55 23.17
CA PHE B 215 -8.75 -26.87 22.84
C PHE B 215 -9.89 -27.37 23.75
N ALA B 216 -10.71 -26.44 24.23
CA ALA B 216 -11.87 -26.73 25.08
C ALA B 216 -13.15 -27.09 24.29
N GLU B 217 -13.16 -26.83 23.00
CA GLU B 217 -14.36 -26.98 22.18
C GLU B 217 -13.96 -27.31 20.75
N PRO B 218 -14.94 -27.72 19.91
CA PRO B 218 -14.60 -27.90 18.49
C PRO B 218 -14.15 -26.59 17.84
N VAL B 219 -13.23 -26.71 16.90
CA VAL B 219 -12.72 -25.57 16.15
C VAL B 219 -13.86 -25.00 15.30
N LYS B 220 -13.99 -23.68 15.29
CA LYS B 220 -15.01 -23.02 14.48
C LYS B 220 -14.35 -22.14 13.43
N GLU B 221 -14.99 -22.01 12.28
CA GLU B 221 -14.52 -21.09 11.22
C GLU B 221 -15.24 -19.76 11.39
N ILE B 222 -14.45 -18.68 11.46
CA ILE B 222 -14.97 -17.34 11.66
C ILE B 222 -15.52 -16.79 10.34
N SER B 223 -16.65 -16.10 10.42
CA SER B 223 -17.24 -15.41 9.29
C SER B 223 -16.76 -13.95 9.24
N ILE B 224 -16.23 -13.53 8.09
CA ILE B 224 -15.86 -12.14 7.87
C ILE B 224 -16.75 -11.62 6.74
N VAL B 225 -17.42 -10.50 6.99
CA VAL B 225 -18.44 -9.98 6.07
C VAL B 225 -18.13 -8.53 5.72
N ASP B 226 -18.69 -8.05 4.61
CA ASP B 226 -18.59 -6.63 4.23
C ASP B 226 -19.58 -5.79 5.06
N GLU B 227 -19.59 -4.48 4.84
CA GLU B 227 -20.43 -3.55 5.60
C GLU B 227 -21.93 -3.69 5.29
N GLN B 228 -22.25 -4.42 4.22
CA GLN B 228 -23.64 -4.78 3.91
C GLN B 228 -24.04 -6.17 4.44
N GLY B 229 -23.19 -6.78 5.26
CA GLY B 229 -23.48 -8.07 5.89
C GLY B 229 -23.25 -9.31 5.03
N ASN B 230 -22.67 -9.15 3.84
CA ASN B 230 -22.40 -10.27 2.95
C ASN B 230 -20.97 -10.80 3.08
N PRO B 231 -20.78 -12.13 3.03
CA PRO B 231 -19.44 -12.73 3.17
C PRO B 231 -18.41 -12.20 2.17
N ILE B 232 -17.20 -11.96 2.64
CA ILE B 232 -16.09 -11.60 1.75
C ILE B 232 -15.84 -12.83 0.89
N LEU B 233 -15.69 -12.62 -0.42
CA LEU B 233 -15.60 -13.72 -1.37
C LEU B 233 -14.16 -14.11 -1.65
N GLY B 234 -13.96 -15.34 -2.11
CA GLY B 234 -12.64 -15.88 -2.45
C GLY B 234 -11.81 -15.04 -3.42
N GLY B 235 -12.48 -14.40 -4.38
CA GLY B 235 -11.79 -13.56 -5.35
C GLY B 235 -11.39 -12.18 -4.86
N ASP B 236 -11.84 -11.78 -3.67
CA ASP B 236 -11.61 -10.45 -3.13
C ASP B 236 -10.32 -10.46 -2.31
N HIS B 237 -9.18 -10.53 -3.00
CA HIS B 237 -7.87 -10.70 -2.35
C HIS B 237 -7.42 -9.49 -1.54
N ASP B 238 -8.00 -8.32 -1.82
CA ASP B 238 -7.74 -7.14 -1.01
C ASP B 238 -8.28 -7.25 0.40
N ARG B 239 -9.34 -8.04 0.59
CA ARG B 239 -10.02 -8.10 1.88
C ARG B 239 -10.06 -9.47 2.54
N ARG B 240 -9.94 -10.56 1.78
CA ARG B 240 -10.11 -11.91 2.33
C ARG B 240 -8.92 -12.35 3.19
N PHE B 241 -9.23 -13.15 4.21
CA PHE B 241 -8.22 -13.69 5.11
C PHE B 241 -7.12 -14.50 4.40
N PHE B 242 -5.86 -14.15 4.66
CA PHE B 242 -4.74 -14.97 4.19
C PHE B 242 -4.04 -15.68 5.35
N GLU B 243 -3.55 -14.92 6.32
CA GLU B 243 -2.89 -15.47 7.53
C GLU B 243 -2.73 -14.39 8.61
N ALA B 244 -1.97 -14.71 9.66
CA ALA B 244 -1.56 -13.74 10.66
C ALA B 244 -2.73 -13.14 11.45
N ALA B 245 -3.71 -13.97 11.79
CA ALA B 245 -4.81 -13.51 12.65
C ALA B 245 -4.29 -12.91 13.96
N TRP B 246 -4.95 -11.85 14.40
CA TRP B 246 -4.67 -11.24 15.68
C TRP B 246 -5.96 -10.61 16.21
N MET B 247 -6.15 -10.67 17.52
CA MET B 247 -7.34 -10.17 18.20
C MET B 247 -6.89 -9.17 19.23
N HIS B 248 -7.53 -8.01 19.24
CA HIS B 248 -7.43 -7.12 20.39
C HIS B 248 -8.78 -6.46 20.62
N LYS B 249 -8.94 -5.90 21.81
CA LYS B 249 -10.17 -5.32 22.26
C LYS B 249 -9.94 -3.85 22.59
N TYR B 250 -10.82 -2.99 22.09
CA TYR B 250 -10.76 -1.56 22.36
C TYR B 250 -12.18 -1.05 22.57
N ASN B 251 -12.42 -0.50 23.77
CA ASN B 251 -13.70 0.10 24.12
C ASN B 251 -14.87 -0.87 23.91
N GLY B 252 -14.70 -2.10 24.37
CA GLY B 252 -15.72 -3.13 24.24
C GLY B 252 -15.81 -3.84 22.90
N THR B 253 -15.16 -3.32 21.85
CA THR B 253 -15.26 -3.91 20.51
C THR B 253 -14.08 -4.84 20.27
N TYR B 254 -14.35 -5.97 19.60
CA TYR B 254 -13.35 -6.95 19.25
C TYR B 254 -12.83 -6.66 17.85
N TYR B 255 -11.51 -6.55 17.73
CA TYR B 255 -10.85 -6.19 16.47
C TYR B 255 -10.06 -7.40 15.97
N LEU B 256 -10.53 -8.03 14.89
CA LEU B 256 -9.82 -9.12 14.23
C LEU B 256 -9.00 -8.51 13.11
N SER B 257 -7.68 -8.56 13.24
CA SER B 257 -6.80 -8.07 12.19
C SER B 257 -6.01 -9.23 11.62
N TYR B 258 -5.58 -9.08 10.37
CA TYR B 258 -4.93 -10.17 9.63
C TYR B 258 -4.23 -9.68 8.39
N SER B 259 -3.36 -10.53 7.86
CA SER B 259 -2.66 -10.27 6.60
C SER B 259 -3.52 -10.76 5.44
N THR B 260 -3.49 -10.02 4.34
CA THR B 260 -4.12 -10.44 3.08
C THR B 260 -3.15 -11.13 2.10
N GLY B 261 -1.90 -11.34 2.51
CA GLY B 261 -0.94 -12.18 1.75
C GLY B 261 -0.48 -11.61 0.43
N ASP B 262 -1.06 -12.12 -0.66
CA ASP B 262 -0.67 -11.67 -2.01
C ASP B 262 -1.05 -10.22 -2.34
N THR B 263 -1.89 -9.57 -1.53
CA THR B 263 -2.13 -8.14 -1.66
C THR B 263 -1.41 -7.32 -0.59
N HIS B 264 -0.76 -8.00 0.35
CA HIS B 264 0.27 -7.40 1.20
C HIS B 264 -0.22 -6.36 2.19
N TYR B 265 -1.50 -6.42 2.59
CA TYR B 265 -2.04 -5.52 3.62
C TYR B 265 -2.18 -6.23 4.95
N ILE B 266 -2.08 -5.47 6.05
CA ILE B 266 -2.74 -5.83 7.28
C ILE B 266 -4.08 -5.08 7.27
N VAL B 267 -5.18 -5.81 7.42
CA VAL B 267 -6.53 -5.20 7.46
C VAL B 267 -7.19 -5.58 8.77
N TYR B 268 -8.37 -5.01 9.03
CA TYR B 268 -9.12 -5.37 10.23
C TYR B 268 -10.62 -5.38 10.00
N ALA B 269 -11.28 -6.20 10.82
CA ALA B 269 -12.73 -6.32 10.86
C ALA B 269 -13.15 -6.30 12.31
N THR B 270 -14.35 -5.79 12.59
CA THR B 270 -14.82 -5.62 13.98
C THR B 270 -16.08 -6.42 14.29
N GLY B 271 -16.24 -6.75 15.57
CA GLY B 271 -17.39 -7.52 16.05
C GLY B 271 -17.64 -7.30 17.54
N ASP B 272 -18.67 -7.96 18.08
CA ASP B 272 -19.12 -7.74 19.46
C ASP B 272 -18.82 -8.91 20.41
N ASN B 273 -18.18 -9.96 19.89
CA ASN B 273 -17.78 -11.12 20.69
C ASN B 273 -16.61 -11.82 20.00
N PRO B 274 -15.90 -12.72 20.73
CA PRO B 274 -14.70 -13.34 20.15
C PRO B 274 -14.90 -14.12 18.85
N TYR B 275 -16.10 -14.66 18.64
CA TYR B 275 -16.38 -15.54 17.50
C TYR B 275 -16.85 -14.82 16.25
N GLY B 276 -17.18 -13.53 16.37
CA GLY B 276 -17.74 -12.80 15.24
C GLY B 276 -19.22 -13.13 15.02
N PRO B 277 -19.77 -12.91 13.82
CA PRO B 277 -19.02 -12.48 12.62
C PRO B 277 -18.37 -11.12 12.73
N PHE B 278 -17.35 -10.89 11.91
CA PHE B 278 -16.61 -9.64 11.93
C PHE B 278 -16.87 -8.89 10.64
N THR B 279 -17.11 -7.59 10.79
CA THR B 279 -17.37 -6.71 9.65
C THR B 279 -16.07 -6.04 9.22
N TYR B 280 -15.67 -6.24 7.97
CA TYR B 280 -14.47 -5.60 7.41
C TYR B 280 -14.59 -4.09 7.53
N ARG B 281 -13.54 -3.43 8.03
CA ARG B 281 -13.51 -1.98 8.18
C ARG B 281 -12.49 -1.30 7.26
N GLY B 282 -11.24 -1.75 7.26
CA GLY B 282 -10.22 -1.10 6.44
C GLY B 282 -8.82 -1.59 6.72
N VAL B 283 -7.85 -0.80 6.29
CA VAL B 283 -6.44 -1.17 6.31
C VAL B 283 -5.79 -0.68 7.60
N ILE B 284 -4.99 -1.54 8.22
CA ILE B 284 -4.14 -1.18 9.36
C ILE B 284 -2.78 -0.72 8.85
N LEU B 285 -2.16 -1.55 8.01
CA LEU B 285 -0.80 -1.32 7.51
C LEU B 285 -0.70 -1.61 6.03
N ASN B 286 -0.19 -0.63 5.30
CA ASN B 286 0.04 -0.79 3.87
C ASN B 286 1.27 -1.64 3.58
N PRO B 287 1.46 -2.06 2.30
CA PRO B 287 2.54 -2.99 2.02
C PRO B 287 3.93 -2.46 2.36
N VAL B 288 4.76 -3.38 2.82
CA VAL B 288 6.11 -3.09 3.27
C VAL B 288 7.10 -3.56 2.21
N ILE B 289 8.38 -3.35 2.49
CA ILE B 289 9.47 -3.94 1.73
C ILE B 289 9.45 -5.45 1.99
N GLY B 290 9.45 -6.24 0.92
CA GLY B 290 9.39 -7.69 1.04
C GLY B 290 7.95 -8.20 1.00
N TRP B 291 7.77 -9.46 0.58
CA TRP B 291 6.44 -9.97 0.22
C TRP B 291 5.48 -10.08 1.40
N THR B 292 5.98 -10.57 2.55
CA THR B 292 5.12 -10.87 3.69
C THR B 292 4.83 -9.63 4.52
N ASN B 293 3.67 -9.64 5.18
CA ASN B 293 3.28 -8.59 6.11
C ASN B 293 2.67 -9.32 7.31
N HIS B 294 3.17 -9.03 8.51
CA HIS B 294 2.77 -9.76 9.71
C HIS B 294 3.00 -8.87 10.91
N HIS B 295 2.06 -8.93 11.86
CA HIS B 295 1.94 -7.88 12.87
C HIS B 295 1.37 -8.36 14.20
N SER B 296 1.40 -7.45 15.17
CA SER B 296 0.55 -7.54 16.35
C SER B 296 0.26 -6.14 16.87
N ILE B 297 -0.78 -6.03 17.69
CA ILE B 297 -1.30 -4.77 18.19
C ILE B 297 -1.42 -4.93 19.70
N VAL B 298 -0.75 -4.07 20.44
CA VAL B 298 -0.66 -4.20 21.91
C VAL B 298 -0.78 -2.82 22.55
N GLU B 299 -1.43 -2.77 23.72
CA GLU B 299 -1.47 -1.55 24.55
C GLU B 299 -0.38 -1.62 25.62
N PHE B 300 0.39 -0.54 25.76
CA PHE B 300 1.43 -0.44 26.76
C PHE B 300 1.47 0.97 27.33
N ASN B 301 1.31 1.09 28.64
CA ASN B 301 1.28 2.39 29.32
C ASN B 301 0.29 3.39 28.71
N GLY B 302 -0.91 2.91 28.41
CA GLY B 302 -1.99 3.73 27.89
C GLY B 302 -1.92 4.11 26.41
N LYS B 303 -0.91 3.63 25.68
CA LYS B 303 -0.78 3.88 24.24
C LYS B 303 -0.82 2.56 23.50
N TRP B 304 -1.35 2.59 22.28
CA TRP B 304 -1.43 1.41 21.42
C TRP B 304 -0.27 1.41 20.42
N TYR B 305 0.26 0.22 20.16
CA TYR B 305 1.41 0.05 19.26
C TYR B 305 1.15 -1.06 18.27
N LEU B 306 1.61 -0.83 17.04
CA LEU B 306 1.63 -1.84 16.00
C LEU B 306 3.06 -2.33 15.85
N PHE B 307 3.29 -3.60 16.17
CA PHE B 307 4.54 -4.27 15.83
C PHE B 307 4.37 -4.91 14.46
N TYR B 308 5.37 -4.78 13.59
CA TYR B 308 5.32 -5.36 12.24
C TYR B 308 6.74 -5.69 11.80
N HIS B 309 6.89 -6.15 10.55
CA HIS B 309 8.22 -6.39 9.98
C HIS B 309 8.35 -5.93 8.55
N ASP B 310 9.59 -5.90 8.08
CA ASP B 310 9.87 -5.74 6.65
C ASP B 310 11.22 -6.36 6.30
N SER B 311 11.60 -6.24 5.04
CA SER B 311 12.85 -6.80 4.55
C SER B 311 13.90 -5.70 4.30
N SER B 312 13.80 -4.59 5.04
CA SER B 312 14.69 -3.44 4.86
C SER B 312 16.15 -3.74 5.26
N LEU B 313 16.34 -4.43 6.37
CA LEU B 313 17.69 -4.73 6.88
C LEU B 313 18.51 -5.64 5.96
N SER B 314 17.84 -6.57 5.28
CA SER B 314 18.50 -7.48 4.36
C SER B 314 18.65 -6.94 2.93
N GLY B 315 18.29 -5.68 2.70
CA GLY B 315 18.30 -5.12 1.34
C GLY B 315 17.19 -5.66 0.46
N GLY B 316 16.09 -6.09 1.09
CA GLY B 316 14.88 -6.49 0.38
C GLY B 316 14.69 -7.97 0.15
N LYS B 317 15.38 -8.82 0.91
CA LYS B 317 15.16 -10.26 0.82
C LYS B 317 13.93 -10.66 1.62
N THR B 318 12.96 -11.25 0.94
CA THR B 318 11.67 -11.62 1.54
C THR B 318 11.79 -12.51 2.78
N HIS B 319 12.73 -13.45 2.76
CA HIS B 319 12.93 -14.40 3.86
C HIS B 319 13.88 -13.93 4.97
N LEU B 320 14.44 -12.72 4.86
CA LEU B 320 15.31 -12.18 5.90
C LEU B 320 14.74 -10.84 6.34
N ARG B 321 13.96 -10.89 7.41
CA ARG B 321 13.17 -9.75 7.84
C ARG B 321 13.69 -9.11 9.12
N CYS B 322 13.13 -7.96 9.46
CA CYS B 322 13.41 -7.28 10.71
C CYS B 322 12.14 -6.66 11.26
N ILE B 323 11.96 -6.75 12.58
CA ILE B 323 10.76 -6.20 13.21
C ILE B 323 10.93 -4.71 13.52
N LYS B 324 9.79 -4.01 13.53
CA LYS B 324 9.70 -2.60 13.79
C LYS B 324 8.45 -2.35 14.61
N VAL B 325 8.31 -1.14 15.13
CA VAL B 325 7.14 -0.77 15.91
C VAL B 325 6.78 0.68 15.61
N THR B 326 5.48 0.98 15.65
CA THR B 326 5.01 2.35 15.56
C THR B 326 3.72 2.51 16.34
N GLU B 327 3.41 3.75 16.68
CA GLU B 327 2.20 4.04 17.43
C GLU B 327 0.97 3.84 16.54
N LEU B 328 -0.08 3.26 17.12
CA LEU B 328 -1.35 2.99 16.44
C LEU B 328 -2.41 3.84 17.10
N THR B 329 -3.28 4.44 16.28
CA THR B 329 -4.29 5.39 16.76
C THR B 329 -5.69 4.87 16.46
N HIS B 330 -6.48 4.67 17.51
CA HIS B 330 -7.91 4.47 17.40
C HIS B 330 -8.60 5.81 17.37
N ASN B 331 -9.44 6.05 16.36
CA ASN B 331 -10.23 7.27 16.26
C ASN B 331 -11.43 7.24 17.20
N ALA B 332 -12.03 8.41 17.43
CA ALA B 332 -13.21 8.56 18.28
C ALA B 332 -14.39 7.64 17.89
N ASP B 333 -14.54 7.36 16.59
CA ASP B 333 -15.59 6.48 16.07
C ASP B 333 -15.25 4.97 16.08
N GLY B 334 -14.11 4.60 16.66
CA GLY B 334 -13.70 3.20 16.74
C GLY B 334 -12.85 2.68 15.57
N THR B 335 -12.74 3.44 14.48
CA THR B 335 -11.85 3.03 13.38
C THR B 335 -10.39 3.23 13.79
N ILE B 336 -9.49 2.58 13.06
CA ILE B 336 -8.04 2.69 13.28
C ILE B 336 -7.46 3.47 12.10
N GLU B 337 -6.58 4.44 12.38
CA GLU B 337 -5.91 5.20 11.33
C GLU B 337 -4.89 4.30 10.61
N THR B 338 -4.98 4.27 9.28
CA THR B 338 -4.09 3.45 8.48
C THR B 338 -2.68 3.97 8.57
N ILE B 339 -1.73 3.04 8.69
CA ILE B 339 -0.32 3.36 8.76
C ILE B 339 0.32 3.00 7.43
N SER B 340 1.11 3.93 6.90
CA SER B 340 1.94 3.69 5.74
C SER B 340 3.39 3.65 6.22
N PRO B 341 4.10 2.55 5.99
CA PRO B 341 5.38 2.32 6.69
C PRO B 341 6.53 3.30 6.42
N TYR B 342 6.57 3.92 5.22
CA TYR B 342 7.74 4.73 4.82
C TYR B 342 7.34 6.18 4.54
N ILE B 343 6.36 6.64 5.32
CA ILE B 343 5.88 8.02 5.28
C ILE B 343 5.76 8.50 6.73
N GLU B 344 6.58 9.48 7.10
CA GLU B 344 6.32 10.36 8.26
C GLU B 344 7.33 11.50 8.32
#